data_1OJC
#
_entry.id   1OJC
#
_cell.length_a   131.690
_cell.length_b   223.080
_cell.length_c   86.470
_cell.angle_alpha   90.00
_cell.angle_beta   90.00
_cell.angle_gamma   90.00
#
_symmetry.space_group_name_H-M   'C 2 2 2'
#
loop_
_entity.id
_entity.type
_entity.pdbx_description
1 polymer 'AMINE OXIDASE [FLAVIN-CONTAINING] B'
2 non-polymer 'FLAVIN-ADENINE DINUCLEOTIDE'
3 non-polymer N-(2-AMINOETHYL)-P-CHLOROBENZAMIDE
4 water water
#
_entity_poly.entity_id   1
_entity_poly.type   'polypeptide(L)'
_entity_poly.pdbx_seq_one_letter_code
;MSNKCDVVVVGGGISGMAAAKLLHDSGLNVVVLEARDRVGGRTYTLRNQKVKYVDLGGSYVGPTQNRILRLAKELGLETY
KVNEVERLIHHVKGKSYPFRGPFPPVWNPITYLDHNNFWRTMDDMGREIPSDAPWKAPLAEEWDNMTMKELLDKLCWTES
AKQLATLFVNLCVTAETHEVSALWFLWYVKQCGGTTRIISTTNGGQERKFVGGSGQVSERIMDLLGDRVKLERPVIYIDQ
TRENVLVETLNHEMYEAKYVISAIPPTLGMKIHFNPPLPMMRNQMITRVPLGSVIKCIVYYKEPFWRKKDYCGTMIIDGE
EAPVAYTLDDTKPEGNYAAIMGFILAHKARKLARLTKEERLKKLCELYAKVLGSLEALEPVHYEEKNWCEEQYSGGCYTT
YFPPGILTQYGRVLRQPVDRIYFAGTETATHWSGYMEGAVEAGERAAREILHAMGKIPEDEIWQSEPESVDVPAQPITTT
FLERHLPSVPGLLRLIGLTTIFSATALGFLAHKRGLLVRV
;
_entity_poly.pdbx_strand_id   A,B
#
loop_
_chem_comp.id
_chem_comp.type
_chem_comp.name
_chem_comp.formula
FAD non-polymer 'FLAVIN-ADENINE DINUCLEOTIDE' 'C27 H33 N9 O15 P2'
LAZ non-polymer N-(2-AMINOETHYL)-P-CHLOROBENZAMIDE 'C9 H10 Cl N O2'
#
# COMPACT_ATOMS: atom_id res chain seq x y z
N ASN A 3 -32.55 10.77 9.39
CA ASN A 3 -31.96 12.04 8.86
C ASN A 3 -31.05 12.77 9.86
N LYS A 4 -31.63 13.50 10.81
CA LYS A 4 -30.85 14.45 11.62
C LYS A 4 -30.41 13.94 12.99
N CYS A 5 -29.16 14.27 13.34
CA CYS A 5 -28.56 13.92 14.63
C CYS A 5 -27.35 14.83 14.90
N ASP A 6 -26.74 14.66 16.07
CA ASP A 6 -25.52 15.39 16.41
C ASP A 6 -24.26 14.78 15.78
N VAL A 7 -24.09 13.47 15.92
CA VAL A 7 -22.93 12.77 15.39
C VAL A 7 -23.27 11.49 14.63
N VAL A 8 -22.75 11.39 13.41
CA VAL A 8 -22.80 10.13 12.67
C VAL A 8 -21.47 9.40 12.90
N VAL A 9 -21.56 8.16 13.38
CA VAL A 9 -20.39 7.30 13.47
C VAL A 9 -20.42 6.31 12.31
N VAL A 10 -19.35 6.31 11.51
CA VAL A 10 -19.22 5.36 10.41
C VAL A 10 -18.44 4.13 10.90
N GLY A 11 -19.12 2.98 10.94
CA GLY A 11 -18.51 1.75 11.39
C GLY A 11 -19.00 1.33 12.76
N GLY A 12 -19.45 0.08 12.85
CA GLY A 12 -19.96 -0.47 14.09
C GLY A 12 -19.11 -1.56 14.70
N GLY A 13 -17.80 -1.44 14.59
CA GLY A 13 -16.88 -2.30 15.31
C GLY A 13 -16.75 -1.81 16.73
N ILE A 14 -15.79 -2.36 17.47
CA ILE A 14 -15.59 -1.96 18.86
C ILE A 14 -15.30 -0.46 18.99
N SER A 15 -14.47 0.07 18.08
CA SER A 15 -14.12 1.48 18.13
C SER A 15 -15.33 2.41 17.94
N GLY A 16 -16.12 2.14 16.90
CA GLY A 16 -17.31 2.91 16.62
C GLY A 16 -18.36 2.82 17.72
N MET A 17 -18.61 1.60 18.18
CA MET A 17 -19.58 1.35 19.23
C MET A 17 -19.19 2.05 20.53
N ALA A 18 -17.91 1.95 20.90
CA ALA A 18 -17.40 2.63 22.08
C ALA A 18 -17.54 4.15 22.00
N ALA A 19 -17.25 4.72 20.82
CA ALA A 19 -17.40 6.15 20.58
C ALA A 19 -18.87 6.58 20.74
N ALA A 20 -19.75 5.81 20.13
CA ALA A 20 -21.17 6.08 20.14
C ALA A 20 -21.73 5.99 21.55
N LYS A 21 -21.24 5.02 22.33
CA LYS A 21 -21.68 4.82 23.70
C LYS A 21 -21.33 6.04 24.58
N LEU A 22 -20.10 6.53 24.45
CA LEU A 22 -19.65 7.68 25.23
C LEU A 22 -20.46 8.94 24.90
N LEU A 23 -20.71 9.17 23.61
CA LEU A 23 -21.46 10.34 23.14
C LEU A 23 -22.92 10.26 23.55
N HIS A 24 -23.50 9.06 23.47
CA HIS A 24 -24.86 8.79 23.90
C HIS A 24 -25.00 9.06 25.40
N ASP A 25 -24.02 8.60 26.18
CA ASP A 25 -23.99 8.79 27.63
C ASP A 25 -23.80 10.26 28.04
N SER A 26 -23.31 11.07 27.10
CA SER A 26 -23.13 12.50 27.31
C SER A 26 -24.36 13.32 26.93
N GLY A 27 -25.39 12.67 26.40
CA GLY A 27 -26.63 13.35 26.07
C GLY A 27 -26.83 13.67 24.60
N LEU A 28 -25.84 13.34 23.78
CA LEU A 28 -25.91 13.65 22.35
C LEU A 28 -26.69 12.60 21.58
N ASN A 29 -27.27 13.02 20.46
CA ASN A 29 -27.98 12.12 19.56
C ASN A 29 -27.03 11.55 18.51
N VAL A 30 -26.87 10.24 18.53
CA VAL A 30 -25.88 9.57 17.70
C VAL A 30 -26.54 8.53 16.82
N VAL A 31 -25.97 8.36 15.62
CA VAL A 31 -26.36 7.28 14.74
C VAL A 31 -25.11 6.55 14.32
N VAL A 32 -25.17 5.22 14.34
CA VAL A 32 -24.08 4.38 13.86
C VAL A 32 -24.47 3.76 12.52
N LEU A 33 -23.64 3.98 11.51
CA LEU A 33 -23.88 3.40 10.19
C LEU A 33 -22.90 2.28 9.95
N GLU A 34 -23.44 1.07 9.82
CA GLU A 34 -22.64 -0.14 9.70
C GLU A 34 -22.90 -0.80 8.34
N ALA A 35 -21.82 -1.15 7.64
CA ALA A 35 -21.92 -1.73 6.30
C ALA A 35 -22.51 -3.13 6.29
N ARG A 36 -22.19 -3.92 7.32
CA ARG A 36 -22.57 -5.33 7.38
C ARG A 36 -23.93 -5.55 8.02
N ASP A 37 -24.43 -6.79 7.96
CA ASP A 37 -25.68 -7.15 8.61
C ASP A 37 -25.48 -7.47 10.09
N ARG A 38 -24.30 -7.14 10.61
CA ARG A 38 -23.94 -7.39 12.00
C ARG A 38 -22.99 -6.29 12.50
N VAL A 39 -22.86 -6.17 13.82
CA VAL A 39 -21.84 -5.31 14.41
C VAL A 39 -20.64 -6.14 14.82
N GLY A 40 -19.52 -5.49 15.15
CA GLY A 40 -18.36 -6.19 15.68
C GLY A 40 -17.11 -6.13 14.82
N GLY A 41 -17.30 -5.93 13.51
CA GLY A 41 -16.20 -5.76 12.58
C GLY A 41 -15.21 -6.91 12.55
N ARG A 42 -14.01 -6.64 13.07
CA ARG A 42 -12.95 -7.66 13.09
C ARG A 42 -13.07 -8.62 14.29
N THR A 43 -14.07 -8.39 15.15
CA THR A 43 -14.50 -9.41 16.10
C THR A 43 -15.78 -10.05 15.58
N TYR A 44 -15.86 -11.37 15.68
CA TYR A 44 -17.02 -12.12 15.23
C TYR A 44 -17.13 -13.42 16.02
N THR A 45 -18.22 -13.55 16.78
CA THR A 45 -18.50 -14.79 17.51
C THR A 45 -19.54 -15.62 16.78
N LEU A 46 -19.14 -16.80 16.35
CA LEU A 46 -20.06 -17.78 15.76
C LEU A 46 -20.65 -18.69 16.85
N ARG A 47 -21.97 -18.85 16.82
CA ARG A 47 -22.66 -19.80 17.71
C ARG A 47 -23.37 -20.88 16.90
N ASN A 48 -23.07 -22.13 17.25
CA ASN A 48 -23.84 -23.29 16.81
C ASN A 48 -23.70 -24.36 17.87
N GLN A 49 -24.45 -25.45 17.71
CA GLN A 49 -24.51 -26.49 18.71
C GLN A 49 -23.19 -27.23 18.92
N LYS A 50 -22.39 -27.36 17.85
CA LYS A 50 -21.13 -28.12 17.93
C LYS A 50 -20.01 -27.38 18.66
N VAL A 51 -20.01 -26.05 18.61
CA VAL A 51 -18.95 -25.25 19.21
C VAL A 51 -19.42 -24.47 20.43
N LYS A 52 -20.75 -24.39 20.59
CA LYS A 52 -21.41 -23.47 21.53
C LYS A 52 -21.21 -22.00 21.12
N TYR A 53 -19.99 -21.51 21.27
CA TYR A 53 -19.59 -20.21 20.73
C TYR A 53 -18.10 -20.30 20.40
N VAL A 54 -17.67 -19.52 19.40
CA VAL A 54 -16.25 -19.41 19.07
C VAL A 54 -15.92 -18.07 18.39
N ASP A 55 -14.82 -17.45 18.83
CA ASP A 55 -14.33 -16.23 18.24
C ASP A 55 -13.56 -16.56 16.97
N LEU A 56 -14.00 -15.99 15.85
CA LEU A 56 -13.33 -16.19 14.56
C LEU A 56 -12.44 -15.01 14.18
N GLY A 57 -12.52 -13.93 14.97
CA GLY A 57 -11.67 -12.76 14.83
C GLY A 57 -10.98 -12.44 16.12
N GLY A 58 -10.90 -11.14 16.47
CA GLY A 58 -10.31 -10.72 17.73
C GLY A 58 -10.89 -11.45 18.91
N SER A 59 -10.04 -11.85 19.85
CA SER A 59 -10.43 -12.76 20.92
C SER A 59 -9.73 -12.53 22.28
N TYR A 60 -8.41 -12.39 22.26
CA TYR A 60 -7.61 -12.33 23.49
C TYR A 60 -7.47 -10.95 24.09
N VAL A 61 -7.56 -10.90 25.42
CA VAL A 61 -7.27 -9.72 26.20
C VAL A 61 -6.30 -10.09 27.31
N GLY A 62 -5.61 -9.11 27.87
CA GLY A 62 -4.64 -9.38 28.92
C GLY A 62 -4.30 -8.14 29.72
N PRO A 63 -3.42 -8.30 30.71
CA PRO A 63 -3.02 -7.18 31.57
C PRO A 63 -2.46 -5.99 30.78
N THR A 64 -2.69 -4.79 31.31
CA THR A 64 -2.44 -3.47 30.69
C THR A 64 -3.48 -3.05 29.65
N GLN A 65 -4.38 -3.95 29.28
CA GLN A 65 -5.46 -3.59 28.35
C GLN A 65 -6.68 -3.15 29.15
N ASN A 66 -6.53 -2.06 29.89
CA ASN A 66 -7.50 -1.68 30.90
C ASN A 66 -8.81 -1.09 30.38
N ARG A 67 -8.78 -0.49 29.19
CA ARG A 67 -9.97 0.10 28.59
C ARG A 67 -10.98 -0.94 28.08
N ILE A 68 -10.50 -1.98 27.39
CA ILE A 68 -11.39 -3.05 26.91
C ILE A 68 -11.95 -3.85 28.09
N LEU A 69 -11.13 -4.02 29.13
CA LEU A 69 -11.55 -4.73 30.33
C LEU A 69 -12.66 -3.99 31.08
N ARG A 70 -12.51 -2.67 31.21
CA ARG A 70 -13.52 -1.86 31.89
C ARG A 70 -14.82 -1.82 31.10
N LEU A 71 -14.72 -1.59 29.78
CA LEU A 71 -15.91 -1.53 28.94
C LEU A 71 -16.70 -2.82 29.02
N ALA A 72 -15.99 -3.94 28.84
CA ALA A 72 -16.61 -5.27 28.89
C ALA A 72 -17.24 -5.58 30.26
N LYS A 73 -16.54 -5.23 31.33
CA LYS A 73 -17.07 -5.38 32.68
C LYS A 73 -18.35 -4.56 32.90
N GLU A 74 -18.36 -3.32 32.41
CA GLU A 74 -19.57 -2.50 32.47
C GLU A 74 -20.74 -3.10 31.69
N LEU A 75 -20.42 -3.84 30.62
CA LEU A 75 -21.43 -4.55 29.83
C LEU A 75 -21.85 -5.89 30.45
N GLY A 76 -21.23 -6.25 31.57
CA GLY A 76 -21.57 -7.49 32.28
C GLY A 76 -20.86 -8.72 31.75
N LEU A 77 -19.69 -8.54 31.16
CA LEU A 77 -18.90 -9.65 30.63
C LEU A 77 -17.85 -10.13 31.64
N GLU A 78 -17.54 -11.42 31.56
CA GLU A 78 -16.54 -12.07 32.39
C GLU A 78 -15.40 -12.55 31.50
N THR A 79 -14.20 -12.66 32.06
CA THR A 79 -13.10 -13.32 31.36
C THR A 79 -12.72 -14.63 32.04
N TYR A 80 -11.96 -15.44 31.30
CA TYR A 80 -11.32 -16.62 31.85
C TYR A 80 -9.91 -16.77 31.27
N LYS A 81 -9.08 -17.52 31.99
CA LYS A 81 -7.68 -17.73 31.62
C LYS A 81 -7.51 -18.77 30.52
N VAL A 82 -6.78 -18.40 29.48
CA VAL A 82 -6.30 -19.34 28.46
C VAL A 82 -5.41 -20.39 29.14
N ASN A 83 -5.55 -21.66 28.73
CA ASN A 83 -4.78 -22.74 29.35
C ASN A 83 -3.29 -22.68 29.08
N GLU A 84 -2.51 -22.46 30.15
CA GLU A 84 -1.05 -22.51 30.09
C GLU A 84 -0.47 -23.24 31.30
N VAL A 85 -1.22 -24.19 31.85
CA VAL A 85 -0.79 -24.96 33.00
C VAL A 85 0.37 -25.90 32.64
N GLU A 86 0.26 -26.56 31.50
CA GLU A 86 1.28 -27.54 31.09
C GLU A 86 2.35 -26.91 30.19
N ARG A 87 3.14 -27.76 29.52
CA ARG A 87 4.32 -27.29 28.77
C ARG A 87 3.96 -26.74 27.38
N LEU A 88 4.68 -25.69 27.00
CA LEU A 88 4.63 -25.15 25.64
C LEU A 88 5.50 -26.03 24.74
N ILE A 89 5.29 -25.95 23.44
CA ILE A 89 6.14 -26.68 22.50
C ILE A 89 6.76 -25.73 21.48
N HIS A 90 8.06 -25.93 21.26
CA HIS A 90 8.75 -25.30 20.14
C HIS A 90 9.13 -26.39 19.16
N HIS A 91 8.50 -26.38 18.00
CA HIS A 91 8.80 -27.34 16.95
C HIS A 91 9.77 -26.71 15.97
N VAL A 92 10.94 -27.33 15.86
CA VAL A 92 12.05 -26.78 15.08
C VAL A 92 12.73 -27.92 14.32
N LYS A 93 12.83 -27.76 13.00
CA LYS A 93 13.46 -28.76 12.12
C LYS A 93 12.93 -30.17 12.35
N GLY A 94 11.61 -30.30 12.32
CA GLY A 94 10.93 -31.58 12.46
C GLY A 94 10.97 -32.25 13.81
N LYS A 95 11.37 -31.53 14.87
CA LYS A 95 11.40 -32.08 16.23
C LYS A 95 10.75 -31.12 17.23
N SER A 96 10.07 -31.69 18.24
CA SER A 96 9.39 -30.90 19.26
C SER A 96 10.20 -30.78 20.54
N TYR A 97 10.33 -29.56 21.04
CA TYR A 97 11.01 -29.29 22.31
C TYR A 97 10.06 -28.64 23.31
N PRO A 98 9.62 -29.41 24.31
CA PRO A 98 8.78 -28.88 25.39
C PRO A 98 9.54 -27.89 26.26
N PHE A 99 8.84 -26.87 26.73
CA PHE A 99 9.44 -25.87 27.62
C PHE A 99 8.39 -25.16 28.48
N ARG A 100 8.87 -24.39 29.46
CA ARG A 100 7.99 -23.57 30.31
C ARG A 100 8.44 -22.12 30.22
N GLY A 101 7.53 -21.19 30.52
CA GLY A 101 7.86 -19.79 30.49
C GLY A 101 7.50 -19.18 29.14
N PRO A 102 7.73 -17.88 28.98
CA PRO A 102 7.30 -17.16 27.77
C PRO A 102 8.16 -17.49 26.55
N PHE A 103 9.44 -17.76 26.78
CA PHE A 103 10.43 -17.83 25.72
C PHE A 103 10.96 -19.24 25.51
N PRO A 104 11.07 -19.68 24.25
CA PRO A 104 11.70 -20.95 23.91
C PRO A 104 13.19 -20.95 24.31
N PRO A 105 13.64 -22.00 24.98
CA PRO A 105 15.01 -22.06 25.49
C PRO A 105 16.03 -22.32 24.37
N VAL A 106 17.24 -21.80 24.58
CA VAL A 106 18.34 -21.95 23.63
C VAL A 106 19.54 -22.48 24.40
N TRP A 107 20.14 -23.55 23.90
CA TRP A 107 21.25 -24.20 24.61
C TRP A 107 22.65 -23.83 24.10
N ASN A 108 22.82 -23.72 22.79
CA ASN A 108 24.06 -23.26 22.19
C ASN A 108 24.41 -21.84 22.69
N PRO A 109 25.62 -21.65 23.22
CA PRO A 109 26.00 -20.38 23.87
C PRO A 109 26.09 -19.20 22.90
N ILE A 110 26.58 -19.43 21.68
CA ILE A 110 26.62 -18.40 20.65
C ILE A 110 25.18 -18.00 20.29
N THR A 111 24.37 -19.02 19.99
CA THR A 111 22.96 -18.83 19.66
C THR A 111 22.25 -18.10 20.80
N TYR A 112 22.62 -18.43 22.03
CA TYR A 112 22.03 -17.79 23.20
C TYR A 112 22.33 -16.29 23.25
N LEU A 113 23.57 -15.93 22.95
CA LEU A 113 23.96 -14.53 22.89
C LEU A 113 23.17 -13.80 21.80
N ASP A 114 23.05 -14.44 20.64
CA ASP A 114 22.32 -13.87 19.50
C ASP A 114 20.84 -13.65 19.82
N HIS A 115 20.20 -14.66 20.42
CA HIS A 115 18.78 -14.60 20.78
C HIS A 115 18.54 -13.52 21.84
N ASN A 116 19.40 -13.50 22.86
CA ASN A 116 19.29 -12.50 23.91
C ASN A 116 19.43 -11.07 23.39
N ASN A 117 20.44 -10.84 22.54
CA ASN A 117 20.69 -9.54 21.95
C ASN A 117 19.56 -9.06 21.04
N PHE A 118 18.96 -9.96 20.27
CA PHE A 118 17.86 -9.58 19.39
C PHE A 118 16.67 -8.95 20.15
N TRP A 119 16.15 -9.66 21.13
CA TRP A 119 14.98 -9.22 21.90
C TRP A 119 15.28 -7.93 22.66
N ARG A 120 16.48 -7.85 23.22
CA ARG A 120 16.95 -6.69 23.95
C ARG A 120 17.06 -5.45 23.04
N THR A 121 17.59 -5.65 21.84
CA THR A 121 17.77 -4.56 20.88
C THR A 121 16.43 -4.01 20.40
N MET A 122 15.49 -4.90 20.14
CA MET A 122 14.12 -4.51 19.81
C MET A 122 13.54 -3.57 20.86
N ASP A 123 13.72 -3.92 22.12
CA ASP A 123 13.23 -3.09 23.23
C ASP A 123 14.06 -1.81 23.41
N ASP A 124 15.38 -1.89 23.19
CA ASP A 124 16.26 -0.71 23.27
C ASP A 124 15.90 0.32 22.21
N MET A 125 15.66 -0.17 20.98
CA MET A 125 15.28 0.69 19.87
C MET A 125 13.89 1.28 20.09
N GLY A 126 13.00 0.50 20.70
CA GLY A 126 11.65 0.95 21.00
C GLY A 126 11.58 2.08 22.01
N ARG A 127 12.54 2.11 22.94
CA ARG A 127 12.62 3.17 23.95
C ARG A 127 12.90 4.53 23.34
N GLU A 128 13.42 4.54 22.12
CA GLU A 128 13.71 5.77 21.40
C GLU A 128 12.52 6.30 20.59
N ILE A 129 11.43 5.54 20.56
CA ILE A 129 10.26 5.86 19.75
C ILE A 129 9.07 6.30 20.62
N PRO A 130 8.64 7.56 20.50
CA PRO A 130 7.44 8.01 21.21
C PRO A 130 6.19 7.29 20.71
N SER A 131 5.35 6.84 21.63
CA SER A 131 4.11 6.13 21.32
C SER A 131 3.15 6.96 20.46
N ASP A 132 3.04 8.24 20.80
CA ASP A 132 2.07 9.13 20.15
C ASP A 132 2.62 9.75 18.87
N ALA A 133 3.91 9.58 18.61
CA ALA A 133 4.56 10.17 17.43
C ALA A 133 5.84 9.44 16.98
N PRO A 134 5.69 8.23 16.43
CA PRO A 134 6.85 7.43 16.01
C PRO A 134 7.82 8.14 15.07
N TRP A 135 7.29 8.97 14.16
CA TRP A 135 8.11 9.73 13.20
C TRP A 135 9.02 10.76 13.88
N LYS A 136 8.87 10.93 15.20
CA LYS A 136 9.75 11.83 15.95
C LYS A 136 10.96 11.12 16.54
N ALA A 137 11.07 9.82 16.35
CA ALA A 137 12.26 9.08 16.80
C ALA A 137 13.52 9.72 16.18
N PRO A 138 14.61 9.82 16.94
CA PRO A 138 15.87 10.40 16.44
C PRO A 138 16.33 9.80 15.09
N LEU A 139 16.24 8.48 14.93
CA LEU A 139 16.63 7.81 13.70
C LEU A 139 15.40 7.35 12.89
N ALA A 140 14.29 8.08 13.02
CA ALA A 140 13.03 7.73 12.38
C ALA A 140 13.21 7.36 10.90
N GLU A 141 13.80 8.27 10.13
CA GLU A 141 13.91 8.11 8.68
C GLU A 141 14.78 6.92 8.31
N GLU A 142 15.91 6.77 8.97
CA GLU A 142 16.80 5.63 8.75
C GLU A 142 16.10 4.30 8.99
N TRP A 143 15.36 4.20 10.09
CA TRP A 143 14.64 2.98 10.45
C TRP A 143 13.41 2.74 9.58
N ASP A 144 12.78 3.82 9.12
CA ASP A 144 11.60 3.72 8.27
C ASP A 144 11.93 3.35 6.81
N ASN A 145 13.15 3.66 6.38
CA ASN A 145 13.58 3.35 5.02
C ASN A 145 14.12 1.93 4.88
N MET A 146 13.81 1.11 5.89
CA MET A 146 14.33 -0.23 6.08
C MET A 146 13.15 -1.16 6.32
N THR A 147 13.20 -2.37 5.76
CA THR A 147 12.23 -3.39 6.12
C THR A 147 12.71 -4.14 7.36
N MET A 148 11.80 -4.85 8.01
CA MET A 148 12.17 -5.69 9.13
C MET A 148 13.13 -6.79 8.70
N LYS A 149 13.01 -7.23 7.46
CA LYS A 149 13.92 -8.23 6.89
C LYS A 149 15.38 -7.76 6.91
N GLU A 150 15.62 -6.54 6.43
CA GLU A 150 16.92 -5.88 6.48
C GLU A 150 17.44 -5.76 7.91
N LEU A 151 16.57 -5.38 8.84
CA LEU A 151 16.96 -5.24 10.24
C LEU A 151 17.39 -6.58 10.84
N LEU A 152 16.61 -7.63 10.55
CA LEU A 152 16.93 -8.98 10.98
C LEU A 152 18.25 -9.50 10.42
N ASP A 153 18.49 -9.22 9.12
CA ASP A 153 19.73 -9.62 8.46
C ASP A 153 20.96 -8.97 9.12
N LYS A 154 20.82 -7.73 9.57
CA LYS A 154 21.91 -7.03 10.24
C LYS A 154 22.13 -7.48 11.69
N LEU A 155 21.04 -7.74 12.41
CA LEU A 155 21.12 -8.05 13.84
C LEU A 155 21.42 -9.50 14.18
N CYS A 156 20.81 -10.42 13.46
CA CYS A 156 20.87 -11.84 13.81
C CYS A 156 22.04 -12.52 13.14
N TRP A 157 23.00 -12.98 13.95
CA TRP A 157 24.18 -13.68 13.47
C TRP A 157 23.99 -15.20 13.35
N THR A 158 22.86 -15.72 13.84
CA THR A 158 22.50 -17.13 13.67
C THR A 158 21.20 -17.28 12.93
N GLU A 159 21.06 -18.37 12.17
CA GLU A 159 19.82 -18.63 11.45
C GLU A 159 18.67 -18.90 12.41
N SER A 160 19.01 -19.48 13.57
CA SER A 160 18.03 -19.85 14.58
C SER A 160 17.29 -18.61 15.15
N ALA A 161 18.04 -17.55 15.42
CA ALA A 161 17.45 -16.30 15.88
C ALA A 161 16.62 -15.64 14.78
N LYS A 162 17.16 -15.65 13.56
CA LYS A 162 16.49 -15.09 12.40
C LYS A 162 15.16 -15.78 12.12
N GLN A 163 15.16 -17.11 12.18
CA GLN A 163 13.96 -17.93 12.01
C GLN A 163 12.89 -17.52 13.02
N LEU A 164 13.27 -17.41 14.29
CA LEU A 164 12.32 -17.11 15.36
C LEU A 164 11.83 -15.66 15.31
N ALA A 165 12.73 -14.74 14.97
CA ALA A 165 12.38 -13.33 14.80
C ALA A 165 11.39 -13.15 13.65
N THR A 166 11.58 -13.92 12.58
CA THR A 166 10.70 -13.92 11.42
C THR A 166 9.29 -14.40 11.80
N LEU A 167 9.21 -15.50 12.54
CA LEU A 167 7.93 -16.04 13.01
C LEU A 167 7.24 -15.01 13.92
N PHE A 168 8.03 -14.37 14.77
CA PHE A 168 7.57 -13.31 15.67
C PHE A 168 6.90 -12.16 14.90
N VAL A 169 7.55 -11.69 13.84
CA VAL A 169 6.97 -10.65 12.99
C VAL A 169 5.70 -11.15 12.29
N ASN A 170 5.76 -12.31 11.67
CA ASN A 170 4.57 -12.89 11.02
C ASN A 170 3.37 -12.99 11.97
N LEU A 171 3.62 -13.44 13.19
CA LEU A 171 2.57 -13.63 14.19
C LEU A 171 1.99 -12.34 14.79
N CYS A 172 2.86 -11.36 15.06
CA CYS A 172 2.41 -10.10 15.66
C CYS A 172 1.59 -9.24 14.69
N VAL A 173 2.00 -9.19 13.41
CA VAL A 173 1.40 -8.26 12.44
C VAL A 173 0.91 -8.89 11.11
N THR A 174 0.80 -10.22 11.08
CA THR A 174 0.34 -10.97 9.89
C THR A 174 0.89 -10.48 8.55
N ALA A 175 2.17 -10.16 8.54
CA ALA A 175 2.83 -9.72 7.33
C ALA A 175 4.24 -10.30 7.31
N GLU A 176 4.86 -10.28 6.13
CA GLU A 176 6.22 -10.80 5.97
C GLU A 176 7.18 -9.74 6.45
N THR A 177 8.38 -10.15 6.85
CA THR A 177 9.38 -9.21 7.35
C THR A 177 9.81 -8.21 6.28
N HIS A 178 9.81 -8.65 5.02
CA HIS A 178 10.16 -7.79 3.89
C HIS A 178 9.05 -6.82 3.45
N GLU A 179 7.84 -7.00 3.97
CA GLU A 179 6.70 -6.16 3.61
C GLU A 179 6.61 -4.91 4.49
N VAL A 180 7.16 -4.98 5.70
CA VAL A 180 6.92 -3.95 6.70
C VAL A 180 8.14 -3.09 7.03
N SER A 181 7.87 -1.83 7.37
CA SER A 181 8.89 -0.89 7.84
C SER A 181 9.45 -1.31 9.20
N ALA A 182 10.76 -1.17 9.37
CA ALA A 182 11.39 -1.49 10.65
C ALA A 182 10.91 -0.51 11.73
N LEU A 183 10.87 0.78 11.41
CA LEU A 183 10.37 1.79 12.36
C LEU A 183 8.96 1.48 12.83
N TRP A 184 8.06 1.18 11.89
CA TRP A 184 6.68 0.88 12.24
C TRP A 184 6.56 -0.35 13.14
N PHE A 185 7.27 -1.43 12.79
CA PHE A 185 7.21 -2.64 13.60
C PHE A 185 7.79 -2.46 15.00
N LEU A 186 8.88 -1.69 15.09
CA LEU A 186 9.49 -1.38 16.38
C LEU A 186 8.58 -0.48 17.22
N TRP A 187 7.87 0.42 16.57
CA TRP A 187 6.85 1.22 17.25
C TRP A 187 5.73 0.31 17.74
N TYR A 188 5.27 -0.57 16.85
CA TYR A 188 4.15 -1.45 17.13
C TYR A 188 4.37 -2.30 18.37
N VAL A 189 5.59 -2.81 18.54
CA VAL A 189 5.90 -3.67 19.67
C VAL A 189 5.97 -2.85 20.95
N LYS A 190 6.66 -1.71 20.89
CA LYS A 190 6.80 -0.81 22.03
C LYS A 190 5.46 -0.31 22.60
N GLN A 191 4.52 0.02 21.71
CA GLN A 191 3.23 0.55 22.14
C GLN A 191 2.28 -0.53 22.70
N CYS A 192 2.71 -1.79 22.61
CA CYS A 192 2.04 -2.87 23.31
C CYS A 192 2.75 -3.21 24.63
N GLY A 193 3.77 -2.42 24.99
CA GLY A 193 4.53 -2.66 26.21
C GLY A 193 5.77 -3.54 26.08
N GLY A 194 6.21 -3.81 24.85
CA GLY A 194 7.43 -4.57 24.63
C GLY A 194 7.24 -6.01 24.19
N THR A 195 8.35 -6.67 23.87
CA THR A 195 8.34 -8.02 23.32
C THR A 195 7.70 -9.04 24.24
N THR A 196 8.07 -8.99 25.52
CA THR A 196 7.56 -9.94 26.53
C THR A 196 6.05 -9.84 26.72
N ARG A 197 5.54 -8.62 26.86
CA ARG A 197 4.13 -8.39 27.05
C ARG A 197 3.33 -8.86 25.82
N ILE A 198 3.87 -8.62 24.63
CA ILE A 198 3.15 -8.92 23.40
C ILE A 198 3.10 -10.44 23.09
N ILE A 199 4.15 -11.17 23.45
CA ILE A 199 4.18 -12.61 23.17
C ILE A 199 3.64 -13.50 24.28
N SER A 200 3.45 -12.95 25.47
CA SER A 200 3.09 -13.77 26.62
C SER A 200 1.62 -14.15 26.66
N THR A 201 1.35 -15.35 27.17
CA THR A 201 0.02 -15.74 27.55
C THR A 201 -0.19 -15.25 28.98
N THR A 202 0.36 -15.98 29.96
CA THR A 202 0.43 -15.49 31.35
C THR A 202 1.14 -14.14 31.40
N ASN A 203 0.46 -13.15 31.98
CA ASN A 203 0.99 -11.78 32.09
C ASN A 203 1.17 -11.03 30.75
N GLY A 204 0.50 -11.49 29.70
CA GLY A 204 0.61 -10.85 28.40
C GLY A 204 -0.69 -10.73 27.62
N GLY A 205 -0.54 -10.39 26.34
CA GLY A 205 -1.66 -10.13 25.45
C GLY A 205 -2.64 -11.27 25.24
N GLN A 206 -2.18 -12.51 25.42
CA GLN A 206 -3.03 -13.67 25.18
C GLN A 206 -3.52 -14.35 26.46
N GLU A 207 -3.50 -13.64 27.60
CA GLU A 207 -3.86 -14.24 28.87
C GLU A 207 -5.29 -14.74 28.94
N ARG A 208 -6.23 -13.99 28.36
CA ARG A 208 -7.64 -14.22 28.62
C ARG A 208 -8.52 -14.07 27.39
N LYS A 209 -9.71 -14.68 27.46
CA LYS A 209 -10.79 -14.45 26.51
C LYS A 209 -12.06 -14.13 27.28
N PHE A 210 -13.07 -13.64 26.58
CA PHE A 210 -14.36 -13.37 27.20
C PHE A 210 -15.23 -14.62 27.20
N VAL A 211 -15.89 -14.87 28.34
CA VAL A 211 -16.90 -15.90 28.43
C VAL A 211 -18.06 -15.53 27.49
N GLY A 212 -18.34 -16.42 26.53
CA GLY A 212 -19.39 -16.18 25.56
C GLY A 212 -18.91 -15.52 24.27
N GLY A 213 -17.65 -15.11 24.23
CA GLY A 213 -17.08 -14.47 23.05
C GLY A 213 -16.98 -12.96 23.12
N SER A 214 -16.04 -12.42 22.35
CA SER A 214 -15.77 -10.97 22.33
C SER A 214 -16.78 -10.19 21.49
N GLY A 215 -17.52 -10.89 20.62
CA GLY A 215 -18.55 -10.25 19.82
C GLY A 215 -19.68 -9.65 20.65
N GLN A 216 -19.79 -10.09 21.90
CA GLN A 216 -20.78 -9.57 22.84
C GLN A 216 -20.53 -8.11 23.21
N VAL A 217 -19.27 -7.67 23.11
CA VAL A 217 -18.93 -6.27 23.41
C VAL A 217 -19.73 -5.34 22.50
N SER A 218 -19.66 -5.59 21.19
CA SER A 218 -20.37 -4.78 20.20
C SER A 218 -21.86 -5.01 20.20
N GLU A 219 -22.28 -6.27 20.37
CA GLU A 219 -23.69 -6.63 20.38
C GLU A 219 -24.44 -5.95 21.52
N ARG A 220 -23.78 -5.88 22.69
CA ARG A 220 -24.39 -5.31 23.89
C ARG A 220 -24.46 -3.79 23.86
N ILE A 221 -23.48 -3.14 23.22
CA ILE A 221 -23.55 -1.70 23.03
C ILE A 221 -24.68 -1.37 22.04
N MET A 222 -24.83 -2.20 21.00
CA MET A 222 -25.96 -2.10 20.10
C MET A 222 -27.29 -2.19 20.86
N ASP A 223 -27.37 -3.10 21.83
CA ASP A 223 -28.56 -3.27 22.67
C ASP A 223 -28.89 -1.98 23.43
N LEU A 224 -27.85 -1.34 23.97
CA LEU A 224 -27.99 -0.06 24.67
C LEU A 224 -28.44 1.06 23.75
N LEU A 225 -27.97 1.05 22.52
CA LEU A 225 -28.24 2.15 21.58
C LEU A 225 -29.57 2.00 20.85
N GLY A 226 -30.11 0.78 20.84
CA GLY A 226 -31.38 0.49 20.18
C GLY A 226 -31.33 0.75 18.70
N ASP A 227 -32.35 1.45 18.20
CA ASP A 227 -32.55 1.69 16.78
C ASP A 227 -31.57 2.70 16.17
N ARG A 228 -30.72 3.29 17.02
CA ARG A 228 -29.68 4.21 16.57
C ARG A 228 -28.61 3.54 15.71
N VAL A 229 -28.48 2.22 15.80
CA VAL A 229 -27.56 1.46 14.95
C VAL A 229 -28.26 0.98 13.68
N LYS A 230 -27.71 1.40 12.53
CA LYS A 230 -28.25 1.03 11.22
C LYS A 230 -27.37 0.03 10.53
N LEU A 231 -27.88 -1.19 10.41
CA LEU A 231 -27.17 -2.29 9.76
C LEU A 231 -27.41 -2.29 8.27
N GLU A 232 -26.44 -2.80 7.51
CA GLU A 232 -26.48 -2.80 6.05
C GLU A 232 -26.63 -1.39 5.49
N ARG A 233 -25.91 -0.46 6.10
CA ARG A 233 -25.80 0.92 5.62
C ARG A 233 -24.35 1.30 5.34
N PRO A 234 -23.75 0.77 4.25
CA PRO A 234 -22.39 1.17 3.87
C PRO A 234 -22.38 2.64 3.44
N VAL A 235 -21.49 3.43 4.02
CA VAL A 235 -21.34 4.83 3.66
C VAL A 235 -20.57 4.93 2.36
N ILE A 236 -21.11 5.72 1.44
CA ILE A 236 -20.50 5.91 0.12
C ILE A 236 -20.05 7.34 -0.12
N TYR A 237 -20.59 8.28 0.65
CA TYR A 237 -20.45 9.69 0.34
C TYR A 237 -20.54 10.57 1.58
N ILE A 238 -19.52 11.42 1.76
CA ILE A 238 -19.55 12.44 2.80
C ILE A 238 -19.35 13.83 2.20
N ASP A 239 -20.32 14.71 2.47
CA ASP A 239 -20.35 16.07 1.97
C ASP A 239 -20.19 17.06 3.12
N GLN A 240 -19.15 17.89 3.04
CA GLN A 240 -18.84 18.88 4.07
C GLN A 240 -18.90 20.34 3.58
N THR A 241 -19.48 20.57 2.40
CA THR A 241 -19.55 21.93 1.83
C THR A 241 -20.57 22.85 2.50
N ARG A 242 -21.59 22.28 3.15
CA ARG A 242 -22.68 23.04 3.75
C ARG A 242 -22.57 23.16 5.28
N GLU A 243 -23.59 23.78 5.88
CA GLU A 243 -23.65 24.03 7.32
C GLU A 243 -23.55 22.77 8.16
N ASN A 244 -24.35 21.76 7.80
CA ASN A 244 -24.32 20.45 8.45
C ASN A 244 -23.70 19.41 7.50
N VAL A 245 -23.01 18.43 8.08
CA VAL A 245 -22.37 17.37 7.30
C VAL A 245 -23.43 16.41 6.76
N LEU A 246 -23.31 16.06 5.49
CA LEU A 246 -24.23 15.11 4.86
C LEU A 246 -23.53 13.78 4.60
N VAL A 247 -24.10 12.70 5.12
CA VAL A 247 -23.54 11.36 4.97
C VAL A 247 -24.55 10.48 4.24
N GLU A 248 -24.14 9.94 3.10
CA GLU A 248 -25.01 9.08 2.30
C GLU A 248 -24.60 7.61 2.37
N THR A 249 -25.60 6.73 2.35
CA THR A 249 -25.36 5.29 2.31
C THR A 249 -25.67 4.69 0.93
N LEU A 250 -25.18 3.49 0.71
CA LEU A 250 -25.39 2.75 -0.54
C LEU A 250 -26.86 2.54 -0.91
N ASN A 251 -27.70 2.27 0.09
CA ASN A 251 -29.14 2.10 -0.14
C ASN A 251 -29.92 3.43 -0.19
N HIS A 252 -29.21 4.53 -0.46
CA HIS A 252 -29.80 5.84 -0.76
C HIS A 252 -30.36 6.66 0.42
N GLU A 253 -30.06 6.25 1.65
CA GLU A 253 -30.44 7.04 2.81
C GLU A 253 -29.47 8.20 3.04
N MET A 254 -30.00 9.31 3.55
CA MET A 254 -29.21 10.49 3.83
C MET A 254 -29.22 10.77 5.32
N TYR A 255 -28.06 11.15 5.86
CA TYR A 255 -27.95 11.49 7.27
C TYR A 255 -27.25 12.83 7.43
N GLU A 256 -27.78 13.64 8.34
CA GLU A 256 -27.27 14.98 8.59
C GLU A 256 -26.76 15.07 10.02
N ALA A 257 -25.56 15.60 10.19
CA ALA A 257 -24.94 15.71 11.51
C ALA A 257 -24.05 16.92 11.62
N LYS A 258 -23.72 17.30 12.85
CA LYS A 258 -22.73 18.34 13.09
C LYS A 258 -21.31 17.79 12.89
N TYR A 259 -21.10 16.53 13.30
CA TYR A 259 -19.79 15.90 13.25
C TYR A 259 -19.86 14.44 12.84
N VAL A 260 -18.77 13.95 12.27
CA VAL A 260 -18.66 12.55 11.87
C VAL A 260 -17.42 11.91 12.52
N ILE A 261 -17.60 10.70 13.06
CA ILE A 261 -16.47 9.88 13.45
C ILE A 261 -16.31 8.78 12.41
N SER A 262 -15.10 8.70 11.84
CA SER A 262 -14.76 7.61 10.95
C SER A 262 -14.09 6.52 11.79
N ALA A 263 -14.80 5.40 11.96
CA ALA A 263 -14.33 4.32 12.82
C ALA A 263 -14.03 3.05 12.01
N ILE A 264 -13.39 3.24 10.86
CA ILE A 264 -13.08 2.17 9.92
C ILE A 264 -11.56 2.12 9.69
N PRO A 265 -11.03 0.97 9.26
CA PRO A 265 -9.61 0.87 8.90
C PRO A 265 -9.26 1.97 7.89
N PRO A 266 -8.15 2.67 8.09
CA PRO A 266 -7.78 3.81 7.25
C PRO A 266 -7.97 3.58 5.76
N THR A 267 -7.52 2.43 5.23
CA THR A 267 -7.63 2.19 3.79
C THR A 267 -9.06 2.04 3.29
N LEU A 268 -9.98 1.64 4.18
CA LEU A 268 -11.38 1.49 3.79
C LEU A 268 -12.08 2.85 3.61
N GLY A 269 -11.40 3.92 4.06
CA GLY A 269 -11.84 5.27 3.76
C GLY A 269 -11.90 5.52 2.26
N MET A 270 -11.15 4.71 1.49
CA MET A 270 -11.18 4.75 0.04
C MET A 270 -12.55 4.43 -0.55
N LYS A 271 -13.38 3.72 0.21
CA LYS A 271 -14.73 3.35 -0.24
C LYS A 271 -15.70 4.54 -0.19
N ILE A 272 -15.27 5.64 0.40
CA ILE A 272 -16.11 6.82 0.54
C ILE A 272 -15.63 7.88 -0.43
N HIS A 273 -16.60 8.50 -1.11
CA HIS A 273 -16.33 9.63 -1.98
C HIS A 273 -16.51 10.89 -1.15
N PHE A 274 -15.52 11.77 -1.19
CA PHE A 274 -15.53 12.96 -0.36
C PHE A 274 -15.78 14.24 -1.16
N ASN A 275 -16.61 15.11 -0.59
CA ASN A 275 -16.80 16.46 -1.10
C ASN A 275 -16.74 17.44 0.07
N PRO A 276 -15.74 18.33 0.10
CA PRO A 276 -14.72 18.45 -0.95
C PRO A 276 -13.72 17.28 -0.89
N PRO A 277 -12.84 17.14 -1.88
CA PRO A 277 -11.83 16.08 -1.85
C PRO A 277 -10.99 16.16 -0.56
N LEU A 278 -10.47 15.03 -0.11
CA LEU A 278 -9.58 15.00 1.06
C LEU A 278 -8.32 15.85 0.82
N PRO A 279 -7.72 16.38 1.88
CA PRO A 279 -6.41 17.05 1.74
C PRO A 279 -5.42 16.04 1.15
N MET A 280 -4.43 16.55 0.43
CA MET A 280 -3.49 15.72 -0.32
C MET A 280 -2.86 14.55 0.45
N MET A 281 -2.38 14.82 1.66
CA MET A 281 -1.69 13.80 2.45
C MET A 281 -2.59 12.64 2.85
N ARG A 282 -3.81 12.92 3.30
CA ARG A 282 -4.75 11.84 3.61
C ARG A 282 -5.18 11.06 2.36
N ASN A 283 -5.44 11.79 1.27
CA ASN A 283 -5.79 11.20 -0.01
C ASN A 283 -4.82 10.09 -0.45
N GLN A 284 -3.52 10.32 -0.27
CA GLN A 284 -2.50 9.34 -0.62
C GLN A 284 -2.22 8.32 0.49
N MET A 285 -2.31 8.76 1.74
CA MET A 285 -2.09 7.88 2.90
C MET A 285 -2.98 6.63 2.82
N ILE A 286 -4.27 6.84 2.55
CA ILE A 286 -5.24 5.75 2.55
C ILE A 286 -5.06 4.70 1.43
N THR A 287 -4.14 4.95 0.51
CA THR A 287 -3.78 3.98 -0.53
C THR A 287 -2.49 3.24 -0.20
N ARG A 288 -1.86 3.63 0.91
CA ARG A 288 -0.52 3.14 1.26
C ARG A 288 -0.50 2.26 2.50
N VAL A 289 -1.67 1.86 3.00
CA VAL A 289 -1.75 1.23 4.31
C VAL A 289 -2.63 -0.02 4.31
N PRO A 290 -2.08 -1.14 3.84
CA PRO A 290 -2.85 -2.39 3.73
C PRO A 290 -2.98 -3.09 5.06
N LEU A 291 -3.91 -4.05 5.15
CA LEU A 291 -4.03 -4.92 6.32
C LEU A 291 -3.39 -6.27 6.03
N GLY A 292 -3.01 -6.98 7.10
CA GLY A 292 -2.31 -8.24 6.97
C GLY A 292 -3.23 -9.35 6.51
N SER A 293 -2.67 -10.55 6.41
CA SER A 293 -3.40 -11.71 5.91
C SER A 293 -3.33 -12.83 6.93
N VAL A 294 -4.51 -13.39 7.24
CA VAL A 294 -4.59 -14.48 8.20
C VAL A 294 -5.87 -15.30 8.03
N ILE A 295 -5.73 -16.61 8.22
CA ILE A 295 -6.87 -17.50 8.43
C ILE A 295 -6.79 -18.00 9.86
N LYS A 296 -7.86 -17.78 10.62
CA LYS A 296 -7.99 -18.35 11.95
C LYS A 296 -8.73 -19.66 11.85
N CYS A 297 -8.12 -20.74 12.36
CA CYS A 297 -8.69 -22.07 12.29
C CYS A 297 -8.81 -22.73 13.65
N ILE A 298 -9.96 -23.36 13.89
CA ILE A 298 -10.18 -24.09 15.14
C ILE A 298 -10.59 -25.54 14.86
N VAL A 299 -9.76 -26.47 15.32
CA VAL A 299 -10.03 -27.89 15.20
C VAL A 299 -10.52 -28.43 16.55
N TYR A 300 -11.67 -29.10 16.52
CA TYR A 300 -12.30 -29.63 17.73
C TYR A 300 -12.03 -31.12 17.92
N TYR A 301 -11.92 -31.52 19.18
CA TYR A 301 -11.66 -32.90 19.56
C TYR A 301 -12.57 -33.34 20.70
N LYS A 302 -12.66 -34.66 20.89
CA LYS A 302 -13.44 -35.26 21.96
C LYS A 302 -12.98 -34.77 23.33
N GLU A 303 -11.66 -34.71 23.51
CA GLU A 303 -11.04 -34.33 24.78
C GLU A 303 -9.77 -33.51 24.51
N PRO A 304 -9.32 -32.72 25.48
CA PRO A 304 -8.04 -32.01 25.35
C PRO A 304 -6.88 -32.95 25.64
N PHE A 305 -6.68 -33.89 24.73
CA PHE A 305 -5.75 -35.01 24.91
C PHE A 305 -4.29 -34.59 25.11
N TRP A 306 -3.92 -33.42 24.57
CA TRP A 306 -2.56 -32.88 24.73
C TRP A 306 -2.18 -32.66 26.20
N ARG A 307 -3.19 -32.38 27.04
CA ARG A 307 -3.00 -32.16 28.47
C ARG A 307 -2.47 -33.41 29.19
N LYS A 308 -2.96 -34.58 28.76
CA LYS A 308 -2.53 -35.86 29.34
C LYS A 308 -1.04 -36.10 29.12
N LYS A 309 -0.52 -35.55 28.03
CA LYS A 309 0.91 -35.60 27.70
C LYS A 309 1.71 -34.45 28.29
N ASP A 310 1.07 -33.66 29.16
CA ASP A 310 1.68 -32.48 29.79
C ASP A 310 2.05 -31.41 28.75
N TYR A 311 1.16 -31.20 27.77
CA TYR A 311 1.24 -30.07 26.85
C TYR A 311 0.04 -29.16 27.07
N CYS A 312 0.26 -27.85 27.19
CA CYS A 312 -0.86 -26.92 27.38
C CYS A 312 -1.68 -26.73 26.11
N GLY A 313 -1.05 -26.90 24.95
CA GLY A 313 -1.70 -26.72 23.67
C GLY A 313 -1.04 -25.62 22.84
N THR A 314 -0.15 -24.86 23.47
CA THR A 314 0.62 -23.84 22.77
C THR A 314 1.74 -24.49 21.98
N MET A 315 1.75 -24.23 20.68
CA MET A 315 2.81 -24.68 19.81
C MET A 315 3.37 -23.48 19.06
N ILE A 316 4.70 -23.38 19.04
CA ILE A 316 5.40 -22.41 18.20
C ILE A 316 6.13 -23.22 17.15
N ILE A 317 5.66 -23.13 15.91
CA ILE A 317 6.06 -24.05 14.85
C ILE A 317 6.84 -23.37 13.73
N ASP A 318 8.12 -23.73 13.62
CA ASP A 318 9.04 -23.17 12.63
C ASP A 318 8.93 -23.91 11.29
N GLY A 319 9.27 -23.23 10.20
CA GLY A 319 9.37 -23.89 8.92
C GLY A 319 8.38 -23.43 7.86
N GLU A 320 8.77 -23.58 6.61
CA GLU A 320 7.94 -23.21 5.47
C GLU A 320 6.81 -24.21 5.23
N GLU A 321 7.07 -25.47 5.57
CA GLU A 321 6.13 -26.56 5.31
C GLU A 321 4.90 -26.52 6.22
N ALA A 322 5.07 -26.03 7.43
CA ALA A 322 3.98 -25.96 8.40
C ALA A 322 2.95 -24.88 8.01
N PRO A 323 1.70 -25.30 7.79
CA PRO A 323 0.63 -24.34 7.49
C PRO A 323 0.34 -23.37 8.64
N VAL A 324 0.49 -23.83 9.87
CA VAL A 324 0.23 -23.02 11.08
C VAL A 324 1.52 -22.80 11.84
N ALA A 325 1.81 -21.55 12.21
CA ALA A 325 3.03 -21.25 12.94
C ALA A 325 2.81 -21.10 14.45
N TYR A 326 1.56 -20.96 14.86
CA TYR A 326 1.21 -20.73 16.26
C TYR A 326 -0.18 -21.25 16.62
N THR A 327 -0.26 -21.95 17.75
CA THR A 327 -1.53 -22.44 18.27
C THR A 327 -1.72 -22.10 19.74
N LEU A 328 -2.97 -22.13 20.18
CA LEU A 328 -3.29 -22.10 21.60
C LEU A 328 -4.44 -23.07 21.90
N ASP A 329 -4.50 -23.53 23.15
CA ASP A 329 -5.65 -24.27 23.64
C ASP A 329 -6.89 -23.38 23.57
N ASP A 330 -7.93 -23.84 22.88
CA ASP A 330 -9.17 -23.09 22.75
C ASP A 330 -10.37 -23.79 23.43
N THR A 331 -10.06 -24.76 24.29
CA THR A 331 -11.05 -25.42 25.13
C THR A 331 -11.78 -24.43 26.03
N LYS A 332 -13.07 -24.65 26.21
CA LYS A 332 -13.91 -23.84 27.10
C LYS A 332 -13.42 -23.97 28.54
N PRO A 333 -13.67 -22.96 29.38
CA PRO A 333 -13.16 -22.98 30.76
C PRO A 333 -13.68 -24.17 31.57
N GLU A 334 -14.84 -24.70 31.19
CA GLU A 334 -15.44 -25.86 31.84
C GLU A 334 -14.72 -27.17 31.51
N GLY A 335 -13.76 -27.11 30.57
CA GLY A 335 -12.99 -28.27 30.18
C GLY A 335 -13.59 -29.06 29.02
N ASN A 336 -14.71 -28.57 28.49
CA ASN A 336 -15.34 -29.22 27.33
C ASN A 336 -15.20 -28.43 26.02
N TYR A 337 -15.78 -28.96 24.94
CA TYR A 337 -15.52 -28.49 23.57
C TYR A 337 -14.01 -28.32 23.30
N ALA A 338 -13.25 -29.38 23.59
CA ALA A 338 -11.81 -29.39 23.41
C ALA A 338 -11.44 -28.92 22.00
N ALA A 339 -10.48 -28.00 21.92
CA ALA A 339 -10.17 -27.36 20.65
C ALA A 339 -8.77 -26.76 20.59
N ILE A 340 -8.18 -26.81 19.41
CA ILE A 340 -6.92 -26.13 19.14
C ILE A 340 -7.17 -25.00 18.14
N MET A 341 -6.80 -23.78 18.54
CA MET A 341 -6.83 -22.61 17.68
C MET A 341 -5.46 -22.42 17.04
N GLY A 342 -5.43 -22.22 15.73
CA GLY A 342 -4.21 -21.96 15.01
C GLY A 342 -4.34 -20.82 14.01
N PHE A 343 -3.24 -20.10 13.79
CA PHE A 343 -3.18 -19.03 12.78
C PHE A 343 -2.39 -19.48 11.55
N ILE A 344 -2.98 -19.27 10.37
CA ILE A 344 -2.26 -19.43 9.12
C ILE A 344 -1.89 -18.02 8.67
N LEU A 345 -0.58 -17.75 8.62
CA LEU A 345 -0.13 -16.35 8.58
C LEU A 345 0.44 -15.89 7.24
N ALA A 346 0.10 -14.64 6.88
CA ALA A 346 0.75 -13.88 5.83
C ALA A 346 0.70 -14.60 4.47
N HIS A 347 1.85 -14.98 3.92
CA HIS A 347 1.87 -15.63 2.61
C HIS A 347 1.25 -17.05 2.60
N LYS A 348 1.25 -17.71 3.76
CA LYS A 348 0.59 -19.02 3.84
C LYS A 348 -0.94 -18.90 3.74
N ALA A 349 -1.50 -17.80 4.26
CA ALA A 349 -2.93 -17.54 4.13
C ALA A 349 -3.31 -17.46 2.65
N ARG A 350 -2.48 -16.76 1.86
CA ARG A 350 -2.65 -16.63 0.42
C ARG A 350 -2.51 -17.98 -0.30
N LYS A 351 -1.42 -18.68 -0.01
CA LYS A 351 -1.14 -20.00 -0.60
C LYS A 351 -2.24 -21.05 -0.34
N LEU A 352 -2.65 -21.18 0.92
CA LEU A 352 -3.56 -22.26 1.33
C LEU A 352 -5.06 -21.93 1.20
N ALA A 353 -5.37 -20.70 0.80
CA ALA A 353 -6.74 -20.29 0.54
C ALA A 353 -7.32 -21.00 -0.69
N ARG A 354 -6.45 -21.48 -1.56
CA ARG A 354 -6.83 -22.19 -2.77
C ARG A 354 -7.46 -23.55 -2.48
N LEU A 355 -7.07 -24.13 -1.35
CA LEU A 355 -7.55 -25.45 -0.95
C LEU A 355 -8.99 -25.42 -0.47
N THR A 356 -9.61 -26.59 -0.36
CA THR A 356 -10.94 -26.68 0.26
C THR A 356 -10.82 -26.70 1.77
N LYS A 357 -11.94 -26.46 2.44
CA LYS A 357 -12.05 -26.55 3.89
C LYS A 357 -11.49 -27.89 4.39
N GLU A 358 -11.93 -28.98 3.76
CA GLU A 358 -11.53 -30.33 4.14
C GLU A 358 -10.03 -30.55 3.98
N GLU A 359 -9.47 -30.01 2.90
CA GLU A 359 -8.04 -30.09 2.63
C GLU A 359 -7.19 -29.37 3.69
N ARG A 360 -7.66 -28.21 4.14
CA ARG A 360 -6.97 -27.46 5.20
C ARG A 360 -7.06 -28.19 6.54
N LEU A 361 -8.23 -28.75 6.84
CA LEU A 361 -8.39 -29.55 8.05
C LEU A 361 -7.40 -30.71 8.11
N LYS A 362 -7.24 -31.41 6.97
CA LYS A 362 -6.32 -32.54 6.88
C LYS A 362 -4.88 -32.13 7.17
N LYS A 363 -4.44 -31.04 6.54
CA LYS A 363 -3.08 -30.51 6.72
C LYS A 363 -2.80 -30.16 8.18
N LEU A 364 -3.78 -29.54 8.84
CA LEU A 364 -3.66 -29.12 10.23
C LEU A 364 -3.57 -30.29 11.19
N CYS A 365 -4.46 -31.27 10.99
CA CYS A 365 -4.48 -32.47 11.83
C CYS A 365 -3.18 -33.22 11.75
N GLU A 366 -2.64 -33.35 10.54
CA GLU A 366 -1.39 -34.07 10.33
C GLU A 366 -0.21 -33.33 10.96
N LEU A 367 -0.24 -32.00 10.87
CA LEU A 367 0.75 -31.17 11.54
C LEU A 367 0.69 -31.31 13.06
N TYR A 368 -0.51 -31.15 13.62
CA TYR A 368 -0.72 -31.29 15.06
C TYR A 368 -0.31 -32.67 15.55
N ALA A 369 -0.61 -33.70 14.76
CA ALA A 369 -0.22 -35.07 15.10
C ALA A 369 1.29 -35.17 15.25
N LYS A 370 2.01 -34.54 14.32
CA LYS A 370 3.47 -34.48 14.33
C LYS A 370 3.98 -33.71 15.54
N VAL A 371 3.52 -32.48 15.69
CA VAL A 371 4.03 -31.60 16.75
C VAL A 371 3.72 -32.14 18.14
N LEU A 372 2.49 -32.59 18.35
CA LEU A 372 2.06 -33.11 19.66
C LEU A 372 2.44 -34.57 19.88
N GLY A 373 2.87 -35.24 18.82
CA GLY A 373 3.19 -36.67 18.86
C GLY A 373 1.99 -37.56 19.17
N SER A 374 0.81 -37.21 18.65
CA SER A 374 -0.42 -37.92 18.99
C SER A 374 -1.27 -38.27 17.77
N LEU A 375 -1.53 -39.56 17.58
CA LEU A 375 -2.50 -40.01 16.58
C LEU A 375 -3.92 -39.49 16.82
N GLU A 376 -4.24 -39.17 18.08
CA GLU A 376 -5.54 -38.58 18.43
C GLU A 376 -5.85 -37.28 17.68
N ALA A 377 -4.79 -36.58 17.28
CA ALA A 377 -4.91 -35.33 16.51
C ALA A 377 -5.50 -35.56 15.12
N LEU A 378 -5.51 -36.81 14.69
CA LEU A 378 -6.01 -37.17 13.37
C LEU A 378 -7.52 -37.45 13.38
N GLU A 379 -8.15 -37.29 14.54
CA GLU A 379 -9.57 -37.58 14.68
C GLU A 379 -10.44 -36.39 15.13
N PRO A 380 -10.48 -35.32 14.33
CA PRO A 380 -11.28 -34.15 14.69
C PRO A 380 -12.77 -34.45 14.68
N VAL A 381 -13.52 -33.79 15.56
CA VAL A 381 -14.98 -33.95 15.61
C VAL A 381 -15.69 -32.82 14.90
N HIS A 382 -15.00 -31.70 14.74
CA HIS A 382 -15.54 -30.49 14.09
C HIS A 382 -14.42 -29.53 13.71
N TYR A 383 -14.71 -28.64 12.75
CA TYR A 383 -13.75 -27.66 12.26
C TYR A 383 -14.44 -26.35 11.92
N GLU A 384 -13.86 -25.24 12.36
CA GLU A 384 -14.31 -23.91 11.98
C GLU A 384 -13.12 -23.06 11.56
N GLU A 385 -13.35 -22.15 10.62
CA GLU A 385 -12.30 -21.28 10.08
C GLU A 385 -12.88 -19.99 9.49
N LYS A 386 -12.02 -18.97 9.42
CA LYS A 386 -12.38 -17.72 8.78
C LYS A 386 -11.16 -17.09 8.13
N ASN A 387 -11.26 -16.88 6.82
CA ASN A 387 -10.25 -16.15 6.05
C ASN A 387 -10.61 -14.67 6.03
N TRP A 388 -9.84 -13.85 6.76
CA TRP A 388 -10.16 -12.42 6.84
C TRP A 388 -9.79 -11.61 5.59
N CYS A 389 -8.91 -12.16 4.74
CA CYS A 389 -8.50 -11.54 3.48
C CYS A 389 -9.65 -11.31 2.50
N GLU A 390 -10.72 -12.08 2.64
CA GLU A 390 -11.83 -12.02 1.70
C GLU A 390 -12.92 -11.01 2.08
N GLU A 391 -12.75 -10.35 3.23
CA GLU A 391 -13.74 -9.41 3.78
C GLU A 391 -13.63 -8.01 3.17
N GLN A 392 -14.66 -7.65 2.39
CA GLN A 392 -14.74 -6.34 1.74
C GLN A 392 -14.66 -5.19 2.74
N TYR A 393 -15.27 -5.37 3.91
CA TYR A 393 -15.38 -4.30 4.90
C TYR A 393 -14.43 -4.45 6.08
N SER A 394 -13.43 -5.31 5.93
CA SER A 394 -12.30 -5.39 6.86
C SER A 394 -10.99 -5.14 6.11
N GLY A 395 -10.81 -5.83 5.00
CA GLY A 395 -9.60 -5.70 4.18
C GLY A 395 -8.50 -6.69 4.54
N GLY A 396 -8.65 -7.37 5.68
CA GLY A 396 -7.68 -8.30 6.22
C GLY A 396 -7.68 -8.27 7.75
N CYS A 397 -6.67 -8.90 8.36
CA CYS A 397 -6.53 -8.94 9.82
C CYS A 397 -5.06 -9.23 10.17
N TYR A 398 -4.60 -8.88 11.37
CA TYR A 398 -5.42 -8.26 12.42
C TYR A 398 -5.60 -6.78 12.18
N THR A 399 -4.57 -6.17 11.62
CA THR A 399 -4.51 -4.71 11.58
C THR A 399 -3.72 -4.19 10.39
N THR A 400 -3.65 -2.87 10.32
CA THR A 400 -2.94 -2.16 9.28
C THR A 400 -1.45 -2.19 9.56
N TYR A 401 -0.68 -2.56 8.55
CA TYR A 401 0.77 -2.43 8.60
C TYR A 401 1.26 -1.32 7.67
N PHE A 402 2.45 -0.80 7.97
CA PHE A 402 3.04 0.28 7.18
C PHE A 402 4.27 -0.26 6.44
N PRO A 403 4.24 -0.21 5.11
CA PRO A 403 5.41 -0.55 4.29
C PRO A 403 6.51 0.49 4.50
N PRO A 404 7.75 0.20 4.10
CA PRO A 404 8.87 1.14 4.27
C PRO A 404 8.58 2.49 3.64
N GLY A 405 8.87 3.54 4.39
CA GLY A 405 8.78 4.91 3.89
C GLY A 405 7.51 5.64 4.23
N ILE A 406 6.49 4.93 4.71
CA ILE A 406 5.16 5.50 4.82
C ILE A 406 4.91 6.23 6.16
N LEU A 407 5.33 5.62 7.26
CA LEU A 407 5.05 6.17 8.59
C LEU A 407 5.67 7.55 8.80
N THR A 408 6.88 7.79 8.26
CA THR A 408 7.50 9.12 8.41
C THR A 408 6.91 10.15 7.46
N GLN A 409 6.35 9.69 6.35
CA GLN A 409 5.79 10.61 5.37
C GLN A 409 4.32 10.95 5.61
N TYR A 410 3.55 9.99 6.17
CA TYR A 410 2.09 10.15 6.25
C TYR A 410 1.51 9.90 7.65
N GLY A 411 2.32 9.37 8.57
CA GLY A 411 1.88 9.01 9.90
C GLY A 411 1.18 10.11 10.68
N ARG A 412 1.72 11.33 10.56
CA ARG A 412 1.14 12.55 11.19
C ARG A 412 -0.34 12.72 10.91
N VAL A 413 -0.77 12.18 9.77
CA VAL A 413 -2.09 12.48 9.22
C VAL A 413 -3.16 11.50 9.71
N LEU A 414 -2.73 10.37 10.25
CA LEU A 414 -3.61 9.27 10.68
C LEU A 414 -4.85 9.68 11.47
N ARG A 415 -4.67 10.48 12.52
CA ARG A 415 -5.80 10.94 13.32
C ARG A 415 -5.99 12.47 13.31
N GLN A 416 -5.42 13.13 12.30
CA GLN A 416 -5.66 14.55 12.07
C GLN A 416 -7.08 14.75 11.53
N PRO A 417 -7.89 15.53 12.25
CA PRO A 417 -9.27 15.80 11.82
C PRO A 417 -9.31 16.47 10.45
N VAL A 418 -10.26 16.05 9.62
CA VAL A 418 -10.50 16.71 8.34
C VAL A 418 -11.79 17.49 8.47
N ASP A 419 -11.66 18.78 8.75
CA ASP A 419 -12.79 19.67 9.03
C ASP A 419 -13.65 19.12 10.19
N ARG A 420 -14.77 18.48 9.89
CA ARG A 420 -15.66 17.96 10.93
C ARG A 420 -15.70 16.44 11.00
N ILE A 421 -14.78 15.79 10.28
CA ILE A 421 -14.57 14.35 10.40
C ILE A 421 -13.40 14.08 11.33
N TYR A 422 -13.66 13.27 12.36
CA TYR A 422 -12.67 12.87 13.33
C TYR A 422 -12.40 11.37 13.15
N PHE A 423 -11.21 10.92 13.54
CA PHE A 423 -10.81 9.55 13.23
C PHE A 423 -10.59 8.67 14.44
N ALA A 424 -11.34 7.57 14.46
CA ALA A 424 -11.18 6.53 15.47
C ALA A 424 -10.68 5.29 14.74
N GLY A 425 -10.94 4.11 15.31
CA GLY A 425 -10.42 2.87 14.76
C GLY A 425 -9.10 2.55 15.43
N THR A 426 -8.90 1.26 15.71
CA THR A 426 -7.73 0.83 16.46
C THR A 426 -6.39 1.31 15.91
N GLU A 427 -6.34 1.57 14.60
CA GLU A 427 -5.11 2.04 13.95
C GLU A 427 -4.64 3.41 14.40
N THR A 428 -5.53 4.19 15.02
CA THR A 428 -5.21 5.53 15.49
C THR A 428 -4.86 5.59 16.99
N ALA A 429 -4.89 4.43 17.66
CA ALA A 429 -4.55 4.36 19.08
C ALA A 429 -3.05 4.50 19.35
N THR A 430 -2.69 4.82 20.58
CA THR A 430 -1.29 4.98 21.00
C THR A 430 -0.82 3.86 21.94
N HIS A 431 -1.76 3.03 22.39
CA HIS A 431 -1.44 1.91 23.29
C HIS A 431 -2.28 0.72 22.85
N TRP A 432 -1.61 -0.37 22.49
CA TRP A 432 -2.27 -1.57 21.94
C TRP A 432 -3.06 -1.29 20.66
N SER A 433 -2.50 -0.44 19.80
CA SER A 433 -3.07 -0.22 18.47
C SER A 433 -3.02 -1.55 17.73
N GLY A 434 -4.10 -1.85 17.01
CA GLY A 434 -4.27 -3.15 16.37
C GLY A 434 -5.05 -4.18 17.18
N TYR A 435 -5.36 -3.84 18.43
CA TYR A 435 -6.11 -4.71 19.33
C TYR A 435 -7.47 -4.11 19.65
N MET A 436 -8.34 -4.89 20.29
CA MET A 436 -9.63 -4.38 20.78
C MET A 436 -9.42 -3.24 21.79
N GLU A 437 -8.36 -3.34 22.60
CA GLU A 437 -7.98 -2.27 23.52
C GLU A 437 -7.83 -0.93 22.80
N GLY A 438 -7.06 -0.93 21.72
CA GLY A 438 -6.81 0.29 20.96
C GLY A 438 -8.06 0.85 20.31
N ALA A 439 -8.97 -0.03 19.93
CA ALA A 439 -10.26 0.37 19.38
C ALA A 439 -11.04 1.20 20.40
N VAL A 440 -11.06 0.75 21.65
CA VAL A 440 -11.72 1.48 22.73
C VAL A 440 -11.04 2.82 22.98
N GLU A 441 -9.72 2.83 23.06
CA GLU A 441 -8.96 4.07 23.24
C GLU A 441 -9.31 5.08 22.15
N ALA A 442 -9.25 4.66 20.89
CA ALA A 442 -9.43 5.56 19.76
C ALA A 442 -10.87 6.07 19.65
N GLY A 443 -11.84 5.17 19.85
CA GLY A 443 -13.24 5.51 19.80
C GLY A 443 -13.62 6.56 20.82
N GLU A 444 -13.16 6.37 22.05
CA GLU A 444 -13.46 7.28 23.15
C GLU A 444 -12.70 8.60 23.04
N ARG A 445 -11.48 8.56 22.51
CA ARG A 445 -10.70 9.77 22.24
C ARG A 445 -11.34 10.62 21.14
N ALA A 446 -11.73 9.97 20.05
CA ALA A 446 -12.39 10.68 18.95
C ALA A 446 -13.71 11.33 19.40
N ALA A 447 -14.48 10.61 20.22
CA ALA A 447 -15.71 11.13 20.80
C ALA A 447 -15.44 12.39 21.65
N ARG A 448 -14.39 12.35 22.47
CA ARG A 448 -14.03 13.48 23.32
C ARG A 448 -13.48 14.68 22.53
N GLU A 449 -12.84 14.41 21.41
CA GLU A 449 -12.39 15.49 20.52
C GLU A 449 -13.59 16.31 20.05
N ILE A 450 -14.69 15.63 19.79
CA ILE A 450 -15.94 16.25 19.36
C ILE A 450 -16.61 17.00 20.52
N LEU A 451 -16.61 16.38 21.70
CA LEU A 451 -17.10 17.02 22.92
C LEU A 451 -16.34 18.33 23.21
N HIS A 452 -15.04 18.33 22.94
CA HIS A 452 -14.24 19.53 23.08
C HIS A 452 -14.60 20.57 22.02
N ALA A 453 -14.81 20.11 20.79
CA ALA A 453 -15.20 20.98 19.69
C ALA A 453 -16.56 21.67 19.93
N MET A 454 -17.40 21.04 20.73
CA MET A 454 -18.71 21.61 21.05
C MET A 454 -18.69 22.46 22.32
N GLY A 455 -17.51 22.59 22.93
CA GLY A 455 -17.32 23.36 24.15
C GLY A 455 -17.84 22.69 25.42
N LYS A 456 -18.00 21.37 25.38
CA LYS A 456 -18.54 20.61 26.51
C LYS A 456 -17.48 20.11 27.49
N ILE A 457 -16.25 19.95 27.02
CA ILE A 457 -15.13 19.57 27.90
C ILE A 457 -13.87 20.39 27.58
N PRO A 458 -12.98 20.59 28.56
CA PRO A 458 -11.69 21.25 28.29
C PRO A 458 -10.73 20.37 27.49
N GLU A 459 -9.80 21.00 26.77
CA GLU A 459 -8.79 20.29 25.97
C GLU A 459 -8.02 19.25 26.79
N ASP A 460 -7.74 19.61 28.05
CA ASP A 460 -7.16 18.73 29.05
C ASP A 460 -7.79 17.33 29.09
N GLU A 461 -9.05 17.23 28.72
CA GLU A 461 -9.81 16.01 28.95
C GLU A 461 -9.97 15.07 27.75
N ILE A 462 -9.39 15.44 26.61
CA ILE A 462 -9.47 14.63 25.38
C ILE A 462 -8.75 13.27 25.52
N TRP A 463 -7.54 13.29 26.07
CA TRP A 463 -6.79 12.06 26.31
C TRP A 463 -6.86 11.69 27.79
N GLN A 464 -7.64 10.67 28.11
CA GLN A 464 -7.81 10.23 29.49
C GLN A 464 -7.05 8.95 29.77
N SER A 465 -6.36 8.91 30.91
CA SER A 465 -5.70 7.70 31.37
C SER A 465 -6.75 6.72 31.94
N GLU A 466 -6.35 5.46 32.11
CA GLU A 466 -7.26 4.41 32.59
C GLU A 466 -6.73 3.74 33.85
N PRO A 467 -7.55 3.69 34.91
CA PRO A 467 -7.18 2.97 36.14
C PRO A 467 -6.94 1.49 35.81
N GLU A 468 -5.96 0.89 36.47
CA GLU A 468 -5.66 -0.53 36.28
C GLU A 468 -6.85 -1.41 36.69
N SER A 469 -7.08 -2.47 35.93
CA SER A 469 -8.12 -3.45 36.27
C SER A 469 -7.79 -4.15 37.59
N VAL A 470 -8.77 -4.26 38.47
CA VAL A 470 -8.59 -5.03 39.72
C VAL A 470 -8.69 -6.53 39.45
N ASP A 471 -9.41 -6.91 38.39
CA ASP A 471 -9.60 -8.30 38.03
C ASP A 471 -8.41 -8.90 37.28
N VAL A 472 -7.75 -8.08 36.45
CA VAL A 472 -6.61 -8.52 35.64
C VAL A 472 -5.40 -7.60 35.85
N PRO A 473 -4.74 -7.72 37.00
CA PRO A 473 -3.62 -6.83 37.34
C PRO A 473 -2.36 -7.21 36.58
N ALA A 474 -1.51 -6.21 36.33
CA ALA A 474 -0.30 -6.43 35.54
C ALA A 474 0.95 -6.58 36.42
N GLN A 475 1.66 -7.68 36.22
CA GLN A 475 2.99 -7.86 36.80
C GLN A 475 3.97 -7.09 35.91
N PRO A 476 4.96 -6.45 36.51
CA PRO A 476 5.97 -5.71 35.72
C PRO A 476 6.88 -6.68 34.95
N ILE A 477 7.45 -6.19 33.85
CA ILE A 477 8.39 -6.96 33.06
C ILE A 477 9.80 -6.76 33.58
N THR A 478 10.43 -7.85 34.03
CA THR A 478 11.77 -7.80 34.62
C THR A 478 12.82 -8.36 33.69
N THR A 479 14.04 -7.83 33.76
CA THR A 479 15.21 -8.40 33.08
C THR A 479 16.29 -8.73 34.11
N THR A 480 16.96 -9.87 33.92
CA THR A 480 18.08 -10.25 34.79
C THR A 480 19.33 -9.42 34.46
N PHE A 481 20.30 -9.44 35.36
CA PHE A 481 21.59 -8.78 35.14
C PHE A 481 22.32 -9.36 33.92
N LEU A 482 22.31 -10.69 33.80
CA LEU A 482 22.94 -11.38 32.68
C LEU A 482 22.32 -10.95 31.35
N GLU A 483 20.98 -10.93 31.29
CA GLU A 483 20.24 -10.55 30.09
C GLU A 483 20.55 -9.13 29.62
N ARG A 484 20.79 -8.23 30.58
CA ARG A 484 21.11 -6.84 30.28
C ARG A 484 22.53 -6.61 29.79
N HIS A 485 23.47 -7.38 30.30
CA HIS A 485 24.89 -7.10 30.07
C HIS A 485 25.68 -8.11 29.24
N LEU A 486 25.11 -9.28 28.98
CA LEU A 486 25.76 -10.25 28.10
C LEU A 486 25.97 -9.59 26.73
N PRO A 487 27.15 -9.76 26.14
CA PRO A 487 27.46 -9.12 24.85
C PRO A 487 26.69 -9.75 23.69
N SER A 488 26.61 -9.02 22.57
CA SER A 488 26.11 -9.55 21.31
C SER A 488 27.16 -10.48 20.70
N VAL A 489 26.83 -11.13 19.58
CA VAL A 489 27.82 -11.94 18.88
C VAL A 489 29.00 -11.07 18.40
N PRO A 490 28.75 -9.99 17.64
CA PRO A 490 29.84 -9.08 17.23
C PRO A 490 30.54 -8.40 18.41
N GLY A 491 29.84 -8.26 19.52
CA GLY A 491 30.41 -7.73 20.75
C GLY A 491 31.38 -8.69 21.40
N LEU A 492 31.05 -9.99 21.37
CA LEU A 492 31.94 -11.05 21.82
C LEU A 492 33.17 -11.16 20.93
N LEU A 493 32.97 -11.01 19.61
CA LEU A 493 34.05 -11.06 18.63
C LEU A 493 35.00 -9.87 18.77
N ARG A 494 34.45 -8.72 19.13
CA ARG A 494 35.24 -7.52 19.41
C ARG A 494 36.07 -7.70 20.67
N LEU A 495 35.51 -8.44 21.63
CA LEU A 495 36.18 -8.77 22.88
C LEU A 495 37.32 -9.79 22.68
N ILE A 496 37.28 -10.53 21.57
CA ILE A 496 38.33 -11.48 21.21
C ILE A 496 39.48 -10.79 20.46
N GLY A 497 39.13 -9.86 19.56
CA GLY A 497 40.12 -9.10 18.82
C GLY A 497 40.91 -8.10 19.65
N LEU A 498 40.51 -7.89 20.90
CA LEU A 498 41.18 -6.93 21.79
C LEU A 498 42.20 -7.57 22.72
N THR A 499 41.91 -8.79 23.18
CA THR A 499 42.84 -9.58 23.99
C THR A 499 44.01 -10.08 23.14
N THR A 500 43.75 -10.26 21.84
CA THR A 500 44.79 -10.61 20.86
C THR A 500 45.55 -9.37 20.35
N ILE A 501 45.85 -8.45 21.27
CA ILE A 501 46.61 -7.24 20.97
C ILE A 501 47.27 -6.70 22.24
N ASN B 3 -29.67 3.77 -19.28
CA ASN B 3 -29.89 2.40 -18.72
C ASN B 3 -29.12 1.29 -19.48
N LYS B 4 -29.66 0.81 -20.60
CA LYS B 4 -29.17 -0.45 -21.20
C LYS B 4 -28.17 -0.27 -22.34
N CYS B 5 -27.14 -1.14 -22.34
CA CYS B 5 -26.12 -1.16 -23.38
C CYS B 5 -25.41 -2.50 -23.35
N ASP B 6 -24.45 -2.71 -24.26
CA ASP B 6 -23.64 -3.93 -24.28
C ASP B 6 -22.48 -3.88 -23.27
N VAL B 7 -21.73 -2.78 -23.26
CA VAL B 7 -20.59 -2.62 -22.37
C VAL B 7 -20.57 -1.27 -21.64
N VAL B 8 -20.42 -1.33 -20.32
CA VAL B 8 -20.11 -0.14 -19.54
C VAL B 8 -18.60 -0.06 -19.32
N VAL B 9 -18.00 1.04 -19.73
CA VAL B 9 -16.59 1.32 -19.42
C VAL B 9 -16.54 2.29 -18.25
N VAL B 10 -15.86 1.90 -17.19
CA VAL B 10 -15.68 2.77 -16.04
C VAL B 10 -14.34 3.48 -16.16
N GLY B 11 -14.39 4.81 -16.34
CA GLY B 11 -13.19 5.62 -16.49
C GLY B 11 -13.01 6.13 -17.91
N GLY B 12 -12.83 7.44 -18.03
CA GLY B 12 -12.67 8.07 -19.32
C GLY B 12 -11.29 8.66 -19.61
N GLY B 13 -10.26 7.99 -19.12
CA GLY B 13 -8.89 8.34 -19.49
C GLY B 13 -8.59 7.74 -20.83
N ILE B 14 -7.32 7.74 -21.24
CA ILE B 14 -6.93 7.19 -22.54
C ILE B 14 -7.30 5.72 -22.68
N SER B 15 -7.11 4.94 -21.62
CA SER B 15 -7.40 3.51 -21.66
C SER B 15 -8.88 3.23 -21.92
N GLY B 16 -9.74 3.87 -21.12
CA GLY B 16 -11.18 3.72 -21.24
C GLY B 16 -11.72 4.18 -22.58
N MET B 17 -11.28 5.37 -23.01
CA MET B 17 -11.65 5.92 -24.30
C MET B 17 -11.25 5.01 -25.46
N ALA B 18 -10.02 4.51 -25.42
CA ALA B 18 -9.51 3.61 -26.46
C ALA B 18 -10.32 2.30 -26.52
N ALA B 19 -10.65 1.75 -25.35
CA ALA B 19 -11.47 0.54 -25.26
C ALA B 19 -12.85 0.81 -25.87
N ALA B 20 -13.45 1.93 -25.47
CA ALA B 20 -14.79 2.30 -25.92
C ALA B 20 -14.83 2.54 -27.44
N LYS B 21 -13.77 3.16 -27.96
CA LYS B 21 -13.66 3.41 -29.39
C LYS B 21 -13.65 2.11 -30.18
N LEU B 22 -12.84 1.14 -29.75
CA LEU B 22 -12.73 -0.14 -30.43
C LEU B 22 -14.07 -0.88 -30.46
N LEU B 23 -14.75 -0.92 -29.31
CA LEU B 23 -16.02 -1.62 -29.16
C LEU B 23 -17.12 -0.94 -29.99
N HIS B 24 -17.12 0.39 -29.97
CA HIS B 24 -18.03 1.20 -30.77
C HIS B 24 -17.84 0.93 -32.26
N ASP B 25 -16.58 0.87 -32.68
CA ASP B 25 -16.23 0.58 -34.08
C ASP B 25 -16.61 -0.84 -34.52
N SER B 26 -16.79 -1.74 -33.55
CA SER B 26 -17.20 -3.12 -33.80
C SER B 26 -18.71 -3.30 -33.86
N GLY B 27 -19.45 -2.23 -33.57
CA GLY B 27 -20.89 -2.23 -33.68
C GLY B 27 -21.63 -2.35 -32.35
N LEU B 28 -20.88 -2.44 -31.25
CA LEU B 28 -21.49 -2.59 -29.93
C LEU B 28 -21.92 -1.27 -29.33
N ASN B 29 -22.94 -1.33 -28.47
CA ASN B 29 -23.41 -0.15 -27.76
C ASN B 29 -22.65 0.03 -26.45
N VAL B 30 -21.93 1.14 -26.35
CA VAL B 30 -21.03 1.37 -25.23
C VAL B 30 -21.40 2.66 -24.49
N VAL B 31 -21.19 2.65 -23.18
CA VAL B 31 -21.33 3.82 -22.35
C VAL B 31 -20.06 3.97 -21.51
N VAL B 32 -19.55 5.20 -21.45
CA VAL B 32 -18.38 5.51 -20.65
C VAL B 32 -18.84 6.30 -19.45
N LEU B 33 -18.51 5.82 -18.26
CA LEU B 33 -18.85 6.53 -17.03
C LEU B 33 -17.59 7.14 -16.43
N GLU B 34 -17.57 8.48 -16.40
CA GLU B 34 -16.40 9.23 -15.97
C GLU B 34 -16.73 10.03 -14.71
N ALA B 35 -15.86 9.95 -13.71
CA ALA B 35 -16.10 10.59 -12.41
C ALA B 35 -15.97 12.12 -12.44
N ARG B 36 -15.08 12.62 -13.28
CA ARG B 36 -14.76 14.06 -13.36
C ARG B 36 -15.66 14.78 -14.35
N ASP B 37 -15.54 16.11 -14.39
CA ASP B 37 -16.26 16.93 -15.34
C ASP B 37 -15.51 17.06 -16.66
N ARG B 38 -14.50 16.20 -16.84
CA ARG B 38 -13.68 16.16 -18.04
C ARG B 38 -13.22 14.74 -18.31
N VAL B 39 -12.76 14.48 -19.53
CA VAL B 39 -12.10 13.21 -19.86
C VAL B 39 -10.58 13.41 -19.82
N GLY B 40 -9.82 12.31 -19.85
CA GLY B 40 -8.37 12.39 -19.98
C GLY B 40 -7.59 11.85 -18.81
N GLY B 41 -8.20 11.87 -17.64
CA GLY B 41 -7.62 11.33 -16.42
C GLY B 41 -6.26 11.93 -16.06
N ARG B 42 -5.21 11.13 -16.21
CA ARG B 42 -3.86 11.57 -15.89
C ARG B 42 -3.19 12.38 -17.00
N THR B 43 -3.91 12.57 -18.11
CA THR B 43 -3.55 13.61 -19.07
C THR B 43 -4.53 14.76 -18.88
N TYR B 44 -4.02 15.97 -18.91
CA TYR B 44 -4.83 17.19 -18.80
C TYR B 44 -4.12 18.35 -19.50
N THR B 45 -4.76 18.89 -20.54
CA THR B 45 -4.25 20.07 -21.24
C THR B 45 -5.00 21.33 -20.82
N LEU B 46 -4.27 22.27 -20.21
CA LEU B 46 -4.81 23.57 -19.85
C LEU B 46 -4.57 24.58 -20.96
N ARG B 47 -5.63 25.30 -21.33
CA ARG B 47 -5.54 26.39 -22.30
C ARG B 47 -5.87 27.72 -21.67
N ASN B 48 -4.97 28.68 -21.85
CA ASN B 48 -5.24 30.09 -21.58
C ASN B 48 -4.34 30.91 -22.47
N GLN B 49 -4.57 32.22 -22.48
CA GLN B 49 -3.89 33.11 -23.40
C GLN B 49 -2.38 33.18 -23.15
N LYS B 50 -1.97 33.05 -21.88
CA LYS B 50 -0.57 33.17 -21.51
C LYS B 50 0.27 31.98 -21.95
N VAL B 51 -0.32 30.78 -21.96
CA VAL B 51 0.41 29.56 -22.29
C VAL B 51 0.06 29.00 -23.66
N LYS B 52 -1.05 29.49 -24.21
CA LYS B 52 -1.75 28.88 -25.35
C LYS B 52 -2.34 27.51 -24.96
N TYR B 53 -1.49 26.49 -24.86
CA TYR B 53 -1.87 25.20 -24.29
C TYR B 53 -0.68 24.65 -23.51
N VAL B 54 -0.94 23.87 -22.47
CA VAL B 54 0.13 23.16 -21.76
C VAL B 54 -0.36 21.87 -21.14
N ASP B 55 0.46 20.83 -21.24
CA ASP B 55 0.16 19.54 -20.64
C ASP B 55 0.58 19.58 -19.18
N LEU B 56 -0.37 19.31 -18.29
CA LEU B 56 -0.10 19.31 -16.85
C LEU B 56 0.06 17.89 -16.30
N GLY B 57 -0.29 16.91 -17.13
CA GLY B 57 -0.10 15.50 -16.82
C GLY B 57 0.75 14.82 -17.88
N GLY B 58 0.38 13.60 -18.26
CA GLY B 58 1.04 12.88 -19.34
C GLY B 58 1.21 13.69 -20.60
N SER B 59 2.40 13.62 -21.20
CA SER B 59 2.78 14.54 -22.27
C SER B 59 3.67 13.95 -23.38
N TYR B 60 4.69 13.19 -22.99
CA TYR B 60 5.72 12.73 -23.92
C TYR B 60 5.38 11.39 -24.57
N VAL B 61 5.74 11.29 -25.85
CA VAL B 61 5.68 10.03 -26.59
C VAL B 61 6.99 9.89 -27.35
N GLY B 62 7.32 8.67 -27.75
CA GLY B 62 8.55 8.42 -28.46
C GLY B 62 8.54 7.13 -29.24
N PRO B 63 9.65 6.82 -29.91
CA PRO B 63 9.76 5.58 -30.67
C PRO B 63 9.48 4.33 -29.83
N THR B 64 8.88 3.32 -30.48
CA THR B 64 8.36 2.06 -29.92
C THR B 64 6.98 2.19 -29.26
N GLN B 65 6.52 3.43 -29.09
CA GLN B 65 5.18 3.64 -28.54
C GLN B 65 4.17 3.70 -29.70
N ASN B 66 4.06 2.61 -30.43
CA ASN B 66 3.34 2.59 -31.70
C ASN B 66 1.81 2.68 -31.64
N ARG B 67 1.24 2.25 -30.52
CA ARG B 67 -0.21 2.26 -30.33
C ARG B 67 -0.77 3.67 -30.06
N ILE B 68 -0.10 4.44 -29.21
CA ILE B 68 -0.53 5.81 -28.93
C ILE B 68 -0.33 6.71 -30.16
N LEU B 69 0.75 6.46 -30.89
CA LEU B 69 1.04 7.18 -32.13
C LEU B 69 -0.01 6.91 -33.21
N ARG B 70 -0.42 5.65 -33.37
CA ARG B 70 -1.42 5.31 -34.37
C ARG B 70 -2.80 5.88 -34.02
N LEU B 71 -3.20 5.73 -32.75
CA LEU B 71 -4.48 6.25 -32.29
C LEU B 71 -4.56 7.75 -32.49
N ALA B 72 -3.51 8.46 -32.08
CA ALA B 72 -3.47 9.91 -32.21
C ALA B 72 -3.48 10.36 -33.67
N LYS B 73 -2.71 9.66 -34.52
CA LYS B 73 -2.70 9.95 -35.94
C LYS B 73 -4.11 9.79 -36.56
N GLU B 74 -4.79 8.70 -36.21
CA GLU B 74 -6.15 8.49 -36.66
C GLU B 74 -7.11 9.60 -36.20
N LEU B 75 -6.82 10.20 -35.06
CA LEU B 75 -7.60 11.31 -34.54
C LEU B 75 -7.18 12.66 -35.13
N GLY B 76 -6.17 12.67 -35.98
CA GLY B 76 -5.76 13.88 -36.66
C GLY B 76 -4.77 14.71 -35.87
N LEU B 77 -4.02 14.06 -34.98
CA LEU B 77 -3.01 14.74 -34.19
C LEU B 77 -1.62 14.63 -34.83
N GLU B 78 -0.81 15.65 -34.58
CA GLU B 78 0.57 15.75 -35.07
C GLU B 78 1.49 15.75 -33.86
N THR B 79 2.73 15.32 -34.03
CA THR B 79 3.75 15.49 -32.99
C THR B 79 4.83 16.46 -33.42
N TYR B 80 5.62 16.90 -32.45
CA TYR B 80 6.84 17.65 -32.71
C TYR B 80 7.93 17.21 -31.76
N LYS B 81 9.18 17.47 -32.14
CA LYS B 81 10.36 17.06 -31.37
C LYS B 81 10.63 17.99 -30.19
N VAL B 82 10.81 17.40 -29.01
CA VAL B 82 11.32 18.11 -27.83
C VAL B 82 12.72 18.62 -28.13
N ASN B 83 13.01 19.85 -27.71
CA ASN B 83 14.30 20.45 -28.02
C ASN B 83 15.48 19.77 -27.33
N GLU B 84 16.36 19.16 -28.14
CA GLU B 84 17.61 18.59 -27.65
C GLU B 84 18.78 18.89 -28.60
N VAL B 85 18.72 20.02 -29.28
CA VAL B 85 19.77 20.45 -30.19
C VAL B 85 21.07 20.80 -29.45
N GLU B 86 20.95 21.52 -28.32
CA GLU B 86 22.11 22.01 -27.59
C GLU B 86 22.51 21.04 -26.46
N ARG B 87 23.36 21.51 -25.54
CA ARG B 87 23.92 20.61 -24.52
C ARG B 87 22.99 20.39 -23.34
N LEU B 88 23.01 19.17 -22.84
CA LEU B 88 22.36 18.81 -21.58
C LEU B 88 23.23 19.28 -20.41
N ILE B 89 22.63 19.39 -19.22
CA ILE B 89 23.40 19.75 -18.04
C ILE B 89 23.23 18.71 -16.95
N HIS B 90 24.36 18.32 -16.35
CA HIS B 90 24.36 17.56 -15.12
C HIS B 90 24.87 18.47 -14.01
N HIS B 91 23.99 18.80 -13.07
CA HIS B 91 24.35 19.61 -11.93
C HIS B 91 24.63 18.70 -10.74
N VAL B 92 25.87 18.74 -10.27
CA VAL B 92 26.35 17.84 -9.24
C VAL B 92 27.21 18.62 -8.24
N LYS B 93 26.85 18.52 -6.95
CA LYS B 93 27.55 19.22 -5.88
C LYS B 93 27.79 20.70 -6.21
N GLY B 94 26.72 21.40 -6.55
CA GLY B 94 26.75 22.84 -6.75
C GLY B 94 27.46 23.32 -8.00
N LYS B 95 27.71 22.42 -8.94
CA LYS B 95 28.37 22.80 -10.20
C LYS B 95 27.71 22.15 -11.41
N SER B 96 27.68 22.89 -12.52
CA SER B 96 27.06 22.44 -13.76
C SER B 96 28.07 21.88 -14.77
N TYR B 97 27.76 20.69 -15.29
CA TYR B 97 28.60 20.06 -16.30
C TYR B 97 27.82 19.81 -17.57
N PRO B 98 28.09 20.61 -18.60
CA PRO B 98 27.44 20.44 -19.90
C PRO B 98 27.92 19.16 -20.60
N PHE B 99 27.00 18.46 -21.27
CA PHE B 99 27.32 17.25 -22.00
C PHE B 99 26.37 16.98 -23.16
N ARG B 100 26.75 16.04 -24.03
CA ARG B 100 25.91 15.62 -25.15
C ARG B 100 25.65 14.12 -25.04
N GLY B 101 24.55 13.67 -25.66
CA GLY B 101 24.18 12.27 -25.60
C GLY B 101 23.21 11.99 -24.47
N PRO B 102 22.78 10.73 -24.33
CA PRO B 102 21.76 10.36 -23.35
C PRO B 102 22.27 10.36 -21.92
N PHE B 103 23.55 10.07 -21.74
CA PHE B 103 24.12 9.75 -20.43
C PHE B 103 25.13 10.79 -19.98
N PRO B 104 25.04 11.22 -18.72
CA PRO B 104 26.04 12.13 -18.12
C PRO B 104 27.42 11.46 -18.06
N PRO B 105 28.46 12.16 -18.49
CA PRO B 105 29.81 11.58 -18.56
C PRO B 105 30.45 11.46 -17.19
N VAL B 106 31.32 10.47 -17.05
CA VAL B 106 32.03 10.20 -15.80
C VAL B 106 33.52 10.10 -16.13
N TRP B 107 34.34 10.84 -15.40
CA TRP B 107 35.78 10.91 -15.71
C TRP B 107 36.70 10.02 -14.87
N ASN B 108 36.42 9.96 -13.57
CA ASN B 108 37.10 9.02 -12.66
C ASN B 108 36.92 7.57 -13.12
N PRO B 109 38.02 6.81 -13.26
CA PRO B 109 37.98 5.45 -13.84
C PRO B 109 37.22 4.43 -12.98
N ILE B 110 37.37 4.53 -11.66
CA ILE B 110 36.69 3.64 -10.74
C ILE B 110 35.19 3.92 -10.78
N THR B 111 34.86 5.21 -10.72
CA THR B 111 33.50 5.68 -10.84
C THR B 111 32.91 5.28 -12.20
N TYR B 112 33.71 5.36 -13.26
CA TYR B 112 33.30 4.94 -14.59
C TYR B 112 32.88 3.47 -14.59
N LEU B 113 33.70 2.62 -13.99
CA LEU B 113 33.43 1.18 -13.94
C LEU B 113 32.13 0.92 -13.18
N ASP B 114 31.96 1.60 -12.04
CA ASP B 114 30.76 1.51 -11.21
C ASP B 114 29.49 1.96 -11.93
N HIS B 115 29.59 3.08 -12.65
CA HIS B 115 28.46 3.60 -13.43
C HIS B 115 28.08 2.66 -14.57
N ASN B 116 29.10 2.20 -15.30
CA ASN B 116 28.87 1.27 -16.40
C ASN B 116 28.20 -0.02 -15.92
N ASN B 117 28.69 -0.57 -14.83
CA ASN B 117 28.20 -1.85 -14.31
C ASN B 117 26.77 -1.76 -13.81
N PHE B 118 26.42 -0.63 -13.21
CA PHE B 118 25.07 -0.45 -12.71
C PHE B 118 24.00 -0.55 -13.81
N TRP B 119 24.16 0.24 -14.88
CA TRP B 119 23.18 0.28 -15.97
C TRP B 119 23.10 -1.06 -16.71
N ARG B 120 24.27 -1.66 -16.91
CA ARG B 120 24.38 -2.95 -17.57
C ARG B 120 23.70 -4.05 -16.75
N THR B 121 23.89 -4.02 -15.43
CA THR B 121 23.29 -5.00 -14.52
C THR B 121 21.76 -4.92 -14.52
N MET B 122 21.25 -3.69 -14.48
CA MET B 122 19.82 -3.44 -14.59
C MET B 122 19.21 -4.10 -15.83
N ASP B 123 19.88 -3.93 -16.97
CA ASP B 123 19.43 -4.55 -18.22
C ASP B 123 19.64 -6.07 -18.25
N ASP B 124 20.75 -6.56 -17.69
CA ASP B 124 21.00 -8.01 -17.56
C ASP B 124 19.93 -8.69 -16.71
N MET B 125 19.58 -8.07 -15.59
CA MET B 125 18.56 -8.59 -14.70
C MET B 125 17.20 -8.55 -15.38
N GLY B 126 16.94 -7.47 -16.12
CA GLY B 126 15.70 -7.30 -16.88
C GLY B 126 15.44 -8.39 -17.91
N ARG B 127 16.51 -8.88 -18.53
CA ARG B 127 16.44 -9.96 -19.51
C ARG B 127 15.92 -11.27 -18.95
N GLU B 128 15.94 -11.41 -17.63
CA GLU B 128 15.43 -12.62 -16.96
C GLU B 128 13.96 -12.48 -16.55
N ILE B 129 13.37 -11.32 -16.82
CA ILE B 129 12.00 -11.04 -16.39
C ILE B 129 11.05 -10.97 -17.57
N PRO B 130 10.10 -11.91 -17.65
CA PRO B 130 9.08 -11.85 -18.71
C PRO B 130 8.16 -10.64 -18.57
N SER B 131 7.94 -9.92 -19.67
CA SER B 131 7.08 -8.74 -19.69
C SER B 131 5.66 -9.02 -19.22
N ASP B 132 5.10 -10.14 -19.68
CA ASP B 132 3.71 -10.48 -19.38
C ASP B 132 3.53 -11.20 -18.05
N ALA B 133 4.65 -11.57 -17.41
CA ALA B 133 4.61 -12.32 -16.15
C ALA B 133 5.89 -12.18 -15.33
N PRO B 134 6.12 -11.01 -14.73
CA PRO B 134 7.34 -10.76 -13.94
C PRO B 134 7.55 -11.72 -12.77
N TRP B 135 6.48 -12.17 -12.12
CA TRP B 135 6.56 -13.14 -11.02
C TRP B 135 7.10 -14.52 -11.47
N LYS B 136 7.29 -14.69 -12.78
CA LYS B 136 7.86 -15.93 -13.32
C LYS B 136 9.37 -15.85 -13.53
N ALA B 137 9.97 -14.72 -13.18
CA ALA B 137 11.43 -14.59 -13.18
C ALA B 137 12.05 -15.66 -12.29
N PRO B 138 13.17 -16.27 -12.71
CA PRO B 138 13.83 -17.30 -11.90
C PRO B 138 14.10 -16.88 -10.47
N LEU B 139 14.54 -15.63 -10.26
CA LEU B 139 14.81 -15.11 -8.92
C LEU B 139 13.73 -14.13 -8.46
N ALA B 140 12.50 -14.34 -8.95
CA ALA B 140 11.39 -13.43 -8.66
C ALA B 140 11.26 -13.08 -7.18
N GLU B 141 11.18 -14.10 -6.33
CA GLU B 141 10.91 -13.90 -4.91
C GLU B 141 12.05 -13.17 -4.22
N GLU B 142 13.28 -13.56 -4.52
CA GLU B 142 14.46 -12.91 -3.97
C GLU B 142 14.50 -11.42 -4.31
N TRP B 143 14.21 -11.10 -5.57
CA TRP B 143 14.25 -9.72 -6.06
C TRP B 143 13.04 -8.91 -5.58
N ASP B 144 11.91 -9.59 -5.38
CA ASP B 144 10.70 -8.94 -4.90
C ASP B 144 10.72 -8.63 -3.41
N ASN B 145 11.51 -9.39 -2.65
CA ASN B 145 11.61 -9.21 -1.20
C ASN B 145 12.65 -8.16 -0.81
N MET B 146 13.08 -7.41 -1.82
CA MET B 146 14.14 -6.42 -1.73
C MET B 146 13.60 -5.08 -2.24
N THR B 147 13.98 -3.98 -1.60
CA THR B 147 13.71 -2.67 -2.16
C THR B 147 14.80 -2.30 -3.16
N MET B 148 14.53 -1.30 -4.00
CA MET B 148 15.55 -0.78 -4.91
C MET B 148 16.72 -0.18 -4.13
N LYS B 149 16.43 0.36 -2.95
CA LYS B 149 17.46 0.91 -2.08
C LYS B 149 18.51 -0.15 -1.69
N GLU B 150 18.02 -1.33 -1.28
CA GLU B 150 18.87 -2.49 -1.01
C GLU B 150 19.69 -2.91 -2.21
N LEU B 151 19.05 -2.96 -3.37
CA LEU B 151 19.75 -3.33 -4.59
C LEU B 151 20.86 -2.33 -4.92
N LEU B 152 20.56 -1.04 -4.80
CA LEU B 152 21.54 0.02 -5.04
C LEU B 152 22.72 -0.05 -4.08
N ASP B 153 22.41 -0.33 -2.81
CA ASP B 153 23.45 -0.48 -1.78
C ASP B 153 24.43 -1.62 -2.06
N LYS B 154 23.91 -2.71 -2.62
CA LYS B 154 24.73 -3.86 -2.99
C LYS B 154 25.54 -3.62 -4.26
N LEU B 155 24.95 -2.98 -5.26
CA LEU B 155 25.57 -2.84 -6.58
C LEU B 155 26.59 -1.68 -6.69
N CYS B 156 26.21 -0.53 -6.15
CA CYS B 156 26.97 0.69 -6.35
C CYS B 156 28.09 0.85 -5.33
N TRP B 157 29.33 0.78 -5.80
CA TRP B 157 30.49 0.93 -4.92
C TRP B 157 30.92 2.40 -4.74
N THR B 158 30.35 3.31 -5.53
CA THR B 158 30.61 4.74 -5.38
C THR B 158 29.31 5.51 -5.05
N GLU B 159 29.46 6.60 -4.30
CA GLU B 159 28.32 7.45 -3.96
C GLU B 159 27.72 8.15 -5.17
N SER B 160 28.59 8.47 -6.13
CA SER B 160 28.22 9.09 -7.40
C SER B 160 27.23 8.24 -8.21
N ALA B 161 27.50 6.94 -8.33
CA ALA B 161 26.58 6.06 -9.05
C ALA B 161 25.27 5.92 -8.28
N LYS B 162 25.38 5.75 -6.96
CA LYS B 162 24.22 5.60 -6.10
C LYS B 162 23.28 6.82 -6.16
N GLN B 163 23.87 8.01 -6.11
CA GLN B 163 23.13 9.27 -6.29
C GLN B 163 22.35 9.31 -7.61
N LEU B 164 23.02 8.99 -8.71
CA LEU B 164 22.40 9.01 -10.02
C LEU B 164 21.36 7.90 -10.20
N ALA B 165 21.65 6.72 -9.66
CA ALA B 165 20.70 5.61 -9.71
C ALA B 165 19.42 5.95 -8.93
N THR B 166 19.59 6.69 -7.85
CA THR B 166 18.49 7.11 -6.99
C THR B 166 17.60 8.12 -7.72
N LEU B 167 18.22 9.13 -8.33
CA LEU B 167 17.51 10.11 -9.13
C LEU B 167 16.74 9.41 -10.26
N PHE B 168 17.40 8.46 -10.92
CA PHE B 168 16.81 7.64 -11.97
C PHE B 168 15.53 6.95 -11.52
N VAL B 169 15.57 6.32 -10.34
CA VAL B 169 14.39 5.66 -9.78
C VAL B 169 13.29 6.68 -9.47
N ASN B 170 13.67 7.78 -8.82
CA ASN B 170 12.72 8.83 -8.47
C ASN B 170 12.00 9.37 -9.70
N LEU B 171 12.76 9.57 -10.78
CA LEU B 171 12.25 10.15 -12.00
C LEU B 171 11.36 9.21 -12.82
N CYS B 172 11.75 7.94 -12.92
CA CYS B 172 10.98 6.96 -13.69
C CYS B 172 9.64 6.63 -13.06
N VAL B 173 9.61 6.52 -11.72
CA VAL B 173 8.44 5.99 -11.03
C VAL B 173 7.89 6.85 -9.87
N THR B 174 8.37 8.08 -9.76
CA THR B 174 7.95 9.04 -8.72
C THR B 174 7.81 8.45 -7.32
N ALA B 175 8.76 7.62 -6.95
CA ALA B 175 8.78 6.98 -5.65
C ALA B 175 10.21 6.88 -5.17
N GLU B 176 10.38 6.71 -3.87
CA GLU B 176 11.71 6.57 -3.29
C GLU B 176 12.22 5.16 -3.54
N THR B 177 13.54 5.01 -3.59
CA THR B 177 14.15 3.69 -3.81
C THR B 177 13.75 2.68 -2.73
N HIS B 178 13.57 3.16 -1.50
CA HIS B 178 13.19 2.32 -0.36
C HIS B 178 11.70 1.96 -0.32
N GLU B 179 10.89 2.64 -1.13
CA GLU B 179 9.45 2.38 -1.20
C GLU B 179 9.10 1.23 -2.14
N VAL B 180 9.97 0.94 -3.11
CA VAL B 180 9.62 0.08 -4.23
C VAL B 180 10.34 -1.26 -4.27
N SER B 181 9.66 -2.29 -4.76
CA SER B 181 10.26 -3.59 -5.01
C SER B 181 11.31 -3.55 -6.12
N ALA B 182 12.44 -4.21 -5.87
CA ALA B 182 13.49 -4.33 -6.89
C ALA B 182 12.98 -5.08 -8.12
N LEU B 183 12.26 -6.18 -7.92
CA LEU B 183 11.69 -6.94 -9.03
C LEU B 183 10.76 -6.07 -9.87
N TRP B 184 9.87 -5.35 -9.22
CA TRP B 184 8.90 -4.52 -9.93
C TRP B 184 9.59 -3.42 -10.74
N PHE B 185 10.58 -2.75 -10.14
CA PHE B 185 11.29 -1.70 -10.84
C PHE B 185 12.12 -2.20 -12.01
N LEU B 186 12.72 -3.38 -11.85
CA LEU B 186 13.50 -3.97 -12.92
C LEU B 186 12.60 -4.46 -14.04
N TRP B 187 11.41 -4.94 -13.69
CA TRP B 187 10.39 -5.27 -14.68
C TRP B 187 9.98 -3.99 -15.42
N TYR B 188 9.74 -2.93 -14.64
CA TYR B 188 9.24 -1.67 -15.19
C TYR B 188 10.14 -1.10 -16.26
N VAL B 189 11.45 -1.16 -16.02
CA VAL B 189 12.43 -0.62 -16.96
C VAL B 189 12.50 -1.47 -18.23
N LYS B 190 12.58 -2.79 -18.03
CA LYS B 190 12.63 -3.76 -19.13
C LYS B 190 11.43 -3.67 -20.07
N GLN B 191 10.23 -3.46 -19.52
CA GLN B 191 9.01 -3.41 -20.34
C GLN B 191 8.84 -2.08 -21.07
N CYS B 192 9.75 -1.13 -20.81
CA CYS B 192 9.83 0.08 -21.60
C CYS B 192 10.96 0.01 -22.64
N GLY B 193 11.61 -1.15 -22.74
CA GLY B 193 12.71 -1.34 -23.67
C GLY B 193 14.12 -1.11 -23.11
N GLY B 194 14.24 -0.96 -21.79
CA GLY B 194 15.54 -0.80 -21.17
C GLY B 194 15.87 0.61 -20.73
N THR B 195 16.98 0.75 -20.03
CA THR B 195 17.39 2.01 -19.42
C THR B 195 17.55 3.13 -20.45
N THR B 196 18.23 2.81 -21.56
CA THR B 196 18.51 3.81 -22.60
C THR B 196 17.23 4.35 -23.23
N ARG B 197 16.34 3.45 -23.61
CA ARG B 197 15.07 3.83 -24.19
C ARG B 197 14.23 4.69 -23.23
N ILE B 198 14.23 4.34 -21.95
CA ILE B 198 13.41 5.02 -20.95
C ILE B 198 13.91 6.43 -20.57
N ILE B 199 15.23 6.66 -20.61
CA ILE B 199 15.79 7.95 -20.21
C ILE B 199 16.06 8.91 -21.38
N SER B 200 16.00 8.39 -22.60
CA SER B 200 16.40 9.19 -23.74
C SER B 200 15.29 10.14 -24.21
N THR B 201 15.72 11.32 -24.66
CA THR B 201 14.84 12.22 -25.36
C THR B 201 14.90 11.78 -26.82
N THR B 202 15.99 12.12 -27.52
CA THR B 202 16.22 11.59 -28.87
C THR B 202 16.26 10.07 -28.81
N ASN B 203 15.40 9.43 -29.60
CA ASN B 203 15.30 7.97 -29.70
C ASN B 203 14.74 7.29 -28.44
N GLY B 204 14.05 8.06 -27.60
CA GLY B 204 13.52 7.53 -26.36
C GLY B 204 12.12 7.98 -26.02
N GLY B 205 11.71 7.72 -24.77
CA GLY B 205 10.38 8.05 -24.30
C GLY B 205 10.00 9.52 -24.27
N GLN B 206 11.00 10.41 -24.23
CA GLN B 206 10.73 11.83 -24.15
C GLN B 206 11.00 12.56 -25.48
N GLU B 207 11.00 11.83 -26.59
CA GLU B 207 11.30 12.44 -27.88
C GLU B 207 10.31 13.53 -28.32
N ARG B 208 9.02 13.28 -28.11
CA ARG B 208 8.00 14.10 -28.74
C ARG B 208 6.82 14.44 -27.84
N LYS B 209 6.12 15.52 -28.19
CA LYS B 209 4.81 15.85 -27.63
C LYS B 209 3.81 16.05 -28.75
N PHE B 210 2.53 16.08 -28.41
CA PHE B 210 1.48 16.34 -29.37
C PHE B 210 1.26 17.83 -29.56
N VAL B 211 1.17 18.28 -30.80
CA VAL B 211 0.76 19.63 -31.11
C VAL B 211 -0.65 19.86 -30.57
N GLY B 212 -0.80 20.86 -29.70
CA GLY B 212 -2.07 21.18 -29.08
C GLY B 212 -2.32 20.48 -27.74
N GLY B 213 -1.46 19.53 -27.38
CA GLY B 213 -1.60 18.81 -26.12
C GLY B 213 -2.13 17.39 -26.26
N SER B 214 -1.77 16.55 -25.30
CA SER B 214 -2.15 15.14 -25.31
C SER B 214 -3.60 14.92 -24.86
N GLY B 215 -4.18 15.89 -24.16
CA GLY B 215 -5.57 15.81 -23.75
C GLY B 215 -6.56 15.72 -24.91
N GLN B 216 -6.08 16.08 -26.11
CA GLN B 216 -6.88 15.97 -27.33
C GLN B 216 -7.19 14.52 -27.71
N VAL B 217 -6.34 13.60 -27.29
CA VAL B 217 -6.58 12.18 -27.56
C VAL B 217 -7.94 11.77 -26.96
N SER B 218 -8.14 12.08 -25.69
CA SER B 218 -9.37 11.71 -25.01
C SER B 218 -10.56 12.57 -25.41
N GLU B 219 -10.32 13.86 -25.60
CA GLU B 219 -11.37 14.80 -26.01
C GLU B 219 -11.95 14.42 -27.37
N ARG B 220 -11.09 14.01 -28.30
CA ARG B 220 -11.52 13.67 -29.65
C ARG B 220 -12.24 12.33 -29.76
N ILE B 221 -11.87 11.37 -28.91
CA ILE B 221 -12.61 10.11 -28.83
C ILE B 221 -13.99 10.37 -28.22
N MET B 222 -14.06 11.28 -27.26
CA MET B 222 -15.34 11.73 -26.72
C MET B 222 -16.23 12.38 -27.79
N ASP B 223 -15.61 13.15 -28.68
CA ASP B 223 -16.30 13.73 -29.83
C ASP B 223 -16.91 12.64 -30.72
N LEU B 224 -16.15 11.59 -30.98
CA LEU B 224 -16.63 10.47 -31.79
C LEU B 224 -17.78 9.73 -31.12
N LEU B 225 -17.72 9.61 -29.79
CA LEU B 225 -18.70 8.78 -29.08
C LEU B 225 -19.98 9.54 -28.74
N GLY B 226 -19.93 10.87 -28.85
CA GLY B 226 -21.07 11.72 -28.58
C GLY B 226 -21.59 11.62 -27.16
N ASP B 227 -22.91 11.45 -27.05
CA ASP B 227 -23.60 11.40 -25.76
C ASP B 227 -23.36 10.10 -24.97
N ARG B 228 -22.62 9.17 -25.55
CA ARG B 228 -22.29 7.91 -24.88
C ARG B 228 -21.32 8.10 -23.69
N VAL B 229 -20.62 9.22 -23.64
CA VAL B 229 -19.74 9.55 -22.52
C VAL B 229 -20.51 10.36 -21.47
N LYS B 230 -20.55 9.84 -20.25
CA LYS B 230 -21.25 10.50 -19.15
C LYS B 230 -20.26 11.10 -18.15
N LEU B 231 -20.23 12.42 -18.07
CA LEU B 231 -19.32 13.15 -17.21
C LEU B 231 -19.93 13.36 -15.84
N GLU B 232 -19.09 13.42 -14.81
CA GLU B 232 -19.54 13.53 -13.42
C GLU B 232 -20.46 12.38 -13.00
N ARG B 233 -20.09 11.17 -13.45
CA ARG B 233 -20.75 9.93 -13.06
C ARG B 233 -19.75 8.98 -12.39
N PRO B 234 -19.35 9.26 -11.14
CA PRO B 234 -18.47 8.33 -10.43
C PRO B 234 -19.22 7.05 -10.12
N VAL B 235 -18.66 5.91 -10.51
CA VAL B 235 -19.24 4.61 -10.22
C VAL B 235 -18.99 4.28 -8.75
N ILE B 236 -20.06 3.86 -8.07
CA ILE B 236 -19.99 3.53 -6.65
C ILE B 236 -20.30 2.07 -6.35
N TYR B 237 -20.94 1.40 -7.31
CA TYR B 237 -21.54 0.09 -7.06
C TYR B 237 -21.63 -0.74 -8.34
N ILE B 238 -21.08 -1.96 -8.28
CA ILE B 238 -21.23 -2.93 -9.35
C ILE B 238 -21.84 -4.22 -8.82
N ASP B 239 -22.97 -4.61 -9.42
CA ASP B 239 -23.74 -5.79 -9.03
C ASP B 239 -23.70 -6.83 -10.15
N GLN B 240 -23.20 -8.02 -9.82
CA GLN B 240 -23.06 -9.11 -10.79
C GLN B 240 -23.88 -10.36 -10.44
N THR B 241 -24.84 -10.23 -9.52
CA THR B 241 -25.62 -11.40 -9.07
C THR B 241 -26.71 -11.83 -10.07
N ARG B 242 -27.12 -10.92 -10.93
CA ARG B 242 -28.21 -11.17 -11.89
C ARG B 242 -27.72 -11.43 -13.32
N GLU B 243 -28.69 -11.60 -14.23
CA GLU B 243 -28.43 -11.90 -15.65
C GLU B 243 -27.55 -10.85 -16.33
N ASN B 244 -27.90 -9.58 -16.13
CA ASN B 244 -27.11 -8.46 -16.65
C ASN B 244 -26.41 -7.73 -15.50
N VAL B 245 -25.23 -7.18 -15.79
CA VAL B 245 -24.45 -6.44 -14.79
C VAL B 245 -25.09 -5.08 -14.53
N LEU B 246 -25.20 -4.72 -13.25
CA LEU B 246 -25.77 -3.43 -12.86
C LEU B 246 -24.68 -2.53 -12.32
N VAL B 247 -24.55 -1.35 -12.92
CA VAL B 247 -23.54 -0.38 -12.51
C VAL B 247 -24.23 0.90 -12.05
N GLU B 248 -23.98 1.28 -10.80
CA GLU B 248 -24.59 2.48 -10.24
C GLU B 248 -23.58 3.62 -10.07
N THR B 249 -24.05 4.85 -10.29
CA THR B 249 -23.24 6.05 -10.08
C THR B 249 -23.66 6.81 -8.83
N LEU B 250 -22.77 7.69 -8.37
CA LEU B 250 -22.99 8.54 -7.20
C LEU B 250 -24.26 9.38 -7.26
N ASN B 251 -24.55 9.94 -8.44
CA ASN B 251 -25.77 10.73 -8.64
C ASN B 251 -27.02 9.88 -8.92
N HIS B 252 -26.98 8.61 -8.52
CA HIS B 252 -28.14 7.70 -8.50
C HIS B 252 -28.62 7.11 -9.84
N GLU B 253 -27.82 7.26 -10.90
CA GLU B 253 -28.16 6.64 -12.17
C GLU B 253 -27.76 5.17 -12.20
N MET B 254 -28.57 4.36 -12.89
CA MET B 254 -28.32 2.94 -13.03
C MET B 254 -28.02 2.58 -14.47
N TYR B 255 -27.04 1.71 -14.67
CA TYR B 255 -26.67 1.26 -16.01
C TYR B 255 -26.60 -0.26 -16.04
N GLU B 256 -27.14 -0.83 -17.11
CA GLU B 256 -27.21 -2.27 -17.28
C GLU B 256 -26.42 -2.66 -18.52
N ALA B 257 -25.58 -3.70 -18.37
CA ALA B 257 -24.71 -4.14 -19.45
C ALA B 257 -24.43 -5.63 -19.36
N LYS B 258 -23.94 -6.19 -20.47
CA LYS B 258 -23.50 -7.57 -20.49
C LYS B 258 -22.11 -7.67 -19.85
N TYR B 259 -21.27 -6.67 -20.11
CA TYR B 259 -19.89 -6.67 -19.63
C TYR B 259 -19.44 -5.28 -19.15
N VAL B 260 -18.43 -5.28 -18.27
CA VAL B 260 -17.86 -4.04 -17.78
C VAL B 260 -16.36 -4.05 -18.02
N ILE B 261 -15.82 -2.90 -18.45
CA ILE B 261 -14.38 -2.69 -18.45
C ILE B 261 -14.08 -1.70 -17.34
N SER B 262 -13.19 -2.12 -16.45
CA SER B 262 -12.66 -1.22 -15.43
C SER B 262 -11.39 -0.59 -15.97
N ALA B 263 -11.46 0.69 -16.28
CA ALA B 263 -10.32 1.41 -16.85
C ALA B 263 -9.77 2.48 -15.90
N ILE B 264 -9.66 2.11 -14.63
CA ILE B 264 -9.19 3.01 -13.57
C ILE B 264 -7.94 2.41 -12.89
N PRO B 265 -7.12 3.24 -12.26
CA PRO B 265 -5.99 2.73 -11.47
C PRO B 265 -6.45 1.67 -10.47
N PRO B 266 -5.73 0.54 -10.38
CA PRO B 266 -6.16 -0.59 -9.56
C PRO B 266 -6.65 -0.19 -8.16
N THR B 267 -5.92 0.67 -7.46
CA THR B 267 -6.32 1.05 -6.12
C THR B 267 -7.62 1.86 -6.04
N LEU B 268 -7.97 2.55 -7.13
CA LEU B 268 -9.23 3.31 -7.18
C LEU B 268 -10.45 2.40 -7.31
N GLY B 269 -10.21 1.12 -7.57
CA GLY B 269 -11.25 0.11 -7.51
C GLY B 269 -11.85 0.01 -6.11
N MET B 270 -11.09 0.46 -5.11
CA MET B 270 -11.56 0.55 -3.73
C MET B 270 -12.77 1.46 -3.56
N LYS B 271 -12.95 2.40 -4.48
CA LYS B 271 -14.06 3.35 -4.41
C LYS B 271 -15.39 2.72 -4.82
N ILE B 272 -15.34 1.50 -5.36
CA ILE B 272 -16.52 0.79 -5.81
C ILE B 272 -16.88 -0.32 -4.82
N HIS B 273 -18.15 -0.39 -4.47
CA HIS B 273 -18.68 -1.47 -3.64
C HIS B 273 -19.16 -2.59 -4.56
N PHE B 274 -18.70 -3.81 -4.32
CA PHE B 274 -18.99 -4.92 -5.21
C PHE B 274 -19.98 -5.90 -4.60
N ASN B 275 -20.88 -6.38 -5.45
CA ASN B 275 -21.76 -7.47 -5.11
C ASN B 275 -21.78 -8.46 -6.28
N PRO B 276 -21.31 -9.70 -6.07
CA PRO B 276 -20.80 -10.17 -4.78
C PRO B 276 -19.43 -9.57 -4.46
N PRO B 277 -18.92 -9.75 -3.24
CA PRO B 277 -17.59 -9.21 -2.90
C PRO B 277 -16.53 -9.75 -3.87
N LEU B 278 -15.45 -8.99 -4.07
CA LEU B 278 -14.36 -9.42 -4.93
C LEU B 278 -13.73 -10.73 -4.40
N PRO B 279 -13.11 -11.52 -5.28
CA PRO B 279 -12.31 -12.66 -4.81
C PRO B 279 -11.22 -12.14 -3.89
N MET B 280 -10.77 -12.99 -2.96
CA MET B 280 -9.86 -12.59 -1.91
C MET B 280 -8.60 -11.87 -2.39
N MET B 281 -7.94 -12.41 -3.40
CA MET B 281 -6.69 -11.86 -3.89
C MET B 281 -6.84 -10.44 -4.45
N ARG B 282 -7.87 -10.19 -5.24
CA ARG B 282 -8.12 -8.85 -5.75
C ARG B 282 -8.52 -7.88 -4.63
N ASN B 283 -9.34 -8.36 -3.70
CA ASN B 283 -9.78 -7.58 -2.55
C ASN B 283 -8.60 -6.97 -1.79
N GLN B 284 -7.55 -7.76 -1.60
CA GLN B 284 -6.36 -7.29 -0.89
C GLN B 284 -5.37 -6.57 -1.79
N MET B 285 -5.25 -7.02 -3.04
CA MET B 285 -4.34 -6.40 -4.02
C MET B 285 -4.58 -4.88 -4.11
N ILE B 286 -5.84 -4.50 -4.26
CA ILE B 286 -6.20 -3.10 -4.48
C ILE B 286 -5.97 -2.16 -3.28
N THR B 287 -5.53 -2.71 -2.14
CA THR B 287 -5.10 -1.92 -0.99
C THR B 287 -3.57 -1.83 -0.91
N ARG B 288 -2.88 -2.54 -1.81
CA ARG B 288 -1.43 -2.69 -1.71
C ARG B 288 -0.66 -2.00 -2.83
N VAL B 289 -1.34 -1.17 -3.62
CA VAL B 289 -0.75 -0.65 -4.86
C VAL B 289 -0.95 0.86 -5.01
N PRO B 290 -0.14 1.65 -4.32
CA PRO B 290 -0.29 3.11 -4.36
C PRO B 290 0.28 3.70 -5.65
N LEU B 291 -0.02 4.98 -5.91
CA LEU B 291 0.58 5.70 -7.02
C LEU B 291 1.62 6.68 -6.46
N GLY B 292 2.57 7.05 -7.30
CA GLY B 292 3.66 7.92 -6.90
C GLY B 292 3.21 9.35 -6.67
N SER B 293 4.18 10.20 -6.35
CA SER B 293 3.93 11.58 -5.98
C SER B 293 4.75 12.51 -6.85
N VAL B 294 4.08 13.48 -7.46
CA VAL B 294 4.76 14.42 -8.34
C VAL B 294 3.96 15.72 -8.48
N ILE B 295 4.70 16.83 -8.56
CA ILE B 295 4.18 18.09 -9.02
C ILE B 295 4.90 18.41 -10.32
N LYS B 296 4.12 18.63 -11.37
CA LYS B 296 4.65 19.10 -12.64
C LYS B 296 4.56 20.62 -12.68
N CYS B 297 5.69 21.28 -12.94
CA CYS B 297 5.76 22.74 -12.93
C CYS B 297 6.34 23.29 -14.21
N ILE B 298 5.72 24.34 -14.74
CA ILE B 298 6.20 24.99 -15.95
C ILE B 298 6.40 26.49 -15.73
N VAL B 299 7.64 26.92 -15.86
CA VAL B 299 7.99 28.34 -15.74
C VAL B 299 8.17 28.93 -17.13
N TYR B 300 7.48 30.03 -17.40
CA TYR B 300 7.52 30.71 -18.70
C TYR B 300 8.44 31.92 -18.71
N TYR B 301 9.11 32.13 -19.84
CA TYR B 301 10.04 33.21 -20.03
C TYR B 301 9.79 33.93 -21.35
N LYS B 302 10.30 35.15 -21.47
CA LYS B 302 10.20 35.96 -22.68
C LYS B 302 10.79 35.23 -23.88
N GLU B 303 11.95 34.60 -23.69
CA GLU B 303 12.68 33.90 -24.74
C GLU B 303 13.32 32.65 -24.15
N PRO B 304 13.66 31.68 -25.00
CA PRO B 304 14.41 30.49 -24.53
C PRO B 304 15.89 30.78 -24.40
N PHE B 305 16.20 31.65 -23.42
CA PHE B 305 17.53 32.22 -23.26
C PHE B 305 18.66 31.19 -23.07
N TRP B 306 18.33 30.02 -22.51
CA TRP B 306 19.30 28.95 -22.32
C TRP B 306 19.95 28.48 -23.63
N ARG B 307 19.20 28.58 -24.74
CA ARG B 307 19.71 28.23 -26.06
C ARG B 307 20.89 29.08 -26.52
N LYS B 308 20.88 30.36 -26.16
CA LYS B 308 21.97 31.29 -26.48
C LYS B 308 23.28 30.87 -25.83
N LYS B 309 23.17 30.20 -24.68
CA LYS B 309 24.31 29.67 -23.95
C LYS B 309 24.67 28.25 -24.38
N ASP B 310 24.01 27.76 -25.44
CA ASP B 310 24.20 26.39 -25.95
C ASP B 310 23.73 25.30 -24.95
N TYR B 311 22.63 25.58 -24.26
CA TYR B 311 21.95 24.61 -23.41
C TYR B 311 20.60 24.28 -24.04
N CYS B 312 20.25 23.00 -24.12
CA CYS B 312 18.95 22.62 -24.68
C CYS B 312 17.79 22.91 -23.74
N GLY B 313 18.07 22.89 -22.43
CA GLY B 313 17.04 23.10 -21.43
C GLY B 313 16.85 21.91 -20.52
N THR B 314 17.47 20.79 -20.89
CA THR B 314 17.50 19.58 -20.08
C THR B 314 18.51 19.74 -18.96
N MET B 315 18.04 19.56 -17.73
CA MET B 315 18.89 19.62 -16.57
C MET B 315 18.65 18.36 -15.73
N ILE B 316 19.73 17.69 -15.35
CA ILE B 316 19.68 16.59 -14.42
C ILE B 316 20.35 17.07 -13.14
N ILE B 317 19.55 17.25 -12.09
CA ILE B 317 19.97 17.98 -10.91
C ILE B 317 20.01 17.11 -9.67
N ASP B 318 21.23 16.90 -9.18
CA ASP B 318 21.47 16.06 -8.01
C ASP B 318 21.26 16.83 -6.71
N GLY B 319 20.92 16.11 -5.64
CA GLY B 319 20.93 16.68 -4.31
C GLY B 319 19.58 16.78 -3.63
N GLU B 320 19.62 16.86 -2.30
CA GLU B 320 18.42 16.99 -1.49
C GLU B 320 17.84 18.40 -1.54
N GLU B 321 18.71 19.39 -1.70
CA GLU B 321 18.31 20.80 -1.63
C GLU B 321 17.50 21.23 -2.85
N ALA B 322 17.79 20.65 -4.01
CA ALA B 322 17.10 21.00 -5.25
C ALA B 322 15.65 20.52 -5.26
N PRO B 323 14.70 21.45 -5.39
CA PRO B 323 13.27 21.09 -5.47
C PRO B 323 12.95 20.26 -6.72
N VAL B 324 13.65 20.51 -7.82
CA VAL B 324 13.43 19.83 -9.09
C VAL B 324 14.68 19.02 -9.47
N ALA B 325 14.50 17.75 -9.79
CA ALA B 325 15.64 16.91 -10.17
C ALA B 325 15.84 16.81 -11.69
N TYR B 326 14.79 17.16 -12.45
CA TYR B 326 14.79 16.98 -13.91
C TYR B 326 13.92 18.00 -14.63
N THR B 327 14.46 18.56 -15.71
CA THR B 327 13.77 19.53 -16.53
C THR B 327 13.90 19.21 -18.00
N LEU B 328 12.98 19.76 -18.78
CA LEU B 328 13.09 19.78 -20.23
C LEU B 328 12.64 21.13 -20.76
N ASP B 329 13.14 21.49 -21.94
CA ASP B 329 12.61 22.61 -22.70
C ASP B 329 11.14 22.33 -23.04
N ASP B 330 10.25 23.24 -22.63
CA ASP B 330 8.83 23.12 -22.96
C ASP B 330 8.33 24.19 -23.93
N THR B 331 9.26 24.85 -24.62
CA THR B 331 8.94 25.85 -25.65
C THR B 331 8.15 25.21 -26.79
N LYS B 332 7.19 25.96 -27.32
CA LYS B 332 6.39 25.53 -28.46
C LYS B 332 7.28 25.37 -29.69
N PRO B 333 6.88 24.51 -30.63
CA PRO B 333 7.72 24.22 -31.80
C PRO B 333 8.04 25.46 -32.64
N GLU B 334 7.17 26.47 -32.55
CA GLU B 334 7.35 27.73 -33.28
C GLU B 334 8.45 28.61 -32.67
N GLY B 335 8.95 28.22 -31.50
CA GLY B 335 10.00 28.96 -30.81
C GLY B 335 9.50 29.98 -29.79
N ASN B 336 8.17 30.06 -29.64
CA ASN B 336 7.57 31.00 -28.71
C ASN B 336 6.95 30.31 -27.50
N TYR B 337 6.39 31.10 -26.59
CA TYR B 337 5.99 30.65 -25.26
C TYR B 337 7.13 29.87 -24.59
N ALA B 338 8.33 30.44 -24.62
CA ALA B 338 9.52 29.86 -23.97
C ALA B 338 9.20 29.39 -22.56
N ALA B 339 9.62 28.17 -22.24
CA ALA B 339 9.25 27.55 -20.97
C ALA B 339 10.18 26.42 -20.56
N ILE B 340 10.34 26.26 -19.26
CA ILE B 340 11.05 25.12 -18.69
C ILE B 340 10.06 24.28 -17.87
N MET B 341 9.97 22.99 -18.23
CA MET B 341 9.17 22.03 -17.49
C MET B 341 10.06 21.32 -16.48
N GLY B 342 9.61 21.25 -15.23
CA GLY B 342 10.33 20.52 -14.19
C GLY B 342 9.44 19.62 -13.36
N PHE B 343 10.01 18.53 -12.86
CA PHE B 343 9.30 17.60 -11.99
C PHE B 343 9.80 17.71 -10.55
N ILE B 344 8.88 17.89 -9.61
CA ILE B 344 9.19 17.82 -8.19
C ILE B 344 8.76 16.43 -7.75
N LEU B 345 9.72 15.61 -7.34
CA LEU B 345 9.51 14.16 -7.27
C LEU B 345 9.41 13.60 -5.87
N ALA B 346 8.46 12.66 -5.72
CA ALA B 346 8.39 11.76 -4.56
C ALA B 346 8.27 12.52 -3.24
N HIS B 347 9.25 12.41 -2.34
CA HIS B 347 9.16 13.05 -1.02
C HIS B 347 9.24 14.58 -1.09
N LYS B 348 9.86 15.11 -2.14
CA LYS B 348 9.90 16.55 -2.37
C LYS B 348 8.52 17.12 -2.71
N ALA B 349 7.72 16.34 -3.44
CA ALA B 349 6.34 16.75 -3.74
C ALA B 349 5.57 16.95 -2.44
N ARG B 350 5.75 16.03 -1.48
CA ARG B 350 5.09 16.09 -0.19
C ARG B 350 5.57 17.28 0.64
N LYS B 351 6.89 17.43 0.71
CA LYS B 351 7.52 18.52 1.47
C LYS B 351 7.13 19.91 0.95
N LEU B 352 7.18 20.11 -0.36
CA LEU B 352 7.01 21.44 -0.94
C LEU B 352 5.56 21.81 -1.27
N ALA B 353 4.64 20.88 -1.04
CA ALA B 353 3.22 21.13 -1.25
C ALA B 353 2.65 22.11 -0.22
N ARG B 354 3.34 22.21 0.92
CA ARG B 354 2.96 23.10 2.01
C ARG B 354 3.13 24.57 1.64
N LEU B 355 4.04 24.85 0.70
CA LEU B 355 4.34 26.21 0.27
C LEU B 355 3.23 26.76 -0.62
N THR B 356 3.24 28.07 -0.83
CA THR B 356 2.33 28.71 -1.78
C THR B 356 2.87 28.56 -3.19
N LYS B 357 2.01 28.79 -4.18
CA LYS B 357 2.38 28.81 -5.58
C LYS B 357 3.58 29.74 -5.80
N GLU B 358 3.50 30.96 -5.29
CA GLU B 358 4.55 31.98 -5.42
C GLU B 358 5.87 31.53 -4.81
N GLU B 359 5.79 30.84 -3.67
CA GLU B 359 6.97 30.32 -2.98
C GLU B 359 7.70 29.26 -3.80
N ARG B 360 6.92 28.38 -4.44
CA ARG B 360 7.48 27.35 -5.29
C ARG B 360 8.13 27.96 -6.54
N LEU B 361 7.47 28.94 -7.14
CA LEU B 361 8.02 29.65 -8.30
C LEU B 361 9.39 30.27 -7.99
N LYS B 362 9.49 30.92 -6.83
CA LYS B 362 10.74 31.52 -6.38
C LYS B 362 11.88 30.50 -6.27
N LYS B 363 11.60 29.37 -5.61
CA LYS B 363 12.59 28.30 -5.42
C LYS B 363 13.10 27.76 -6.76
N LEU B 364 12.19 27.56 -7.71
CA LEU B 364 12.50 27.05 -9.03
C LEU B 364 13.35 27.99 -9.86
N CYS B 365 12.97 29.27 -9.87
CA CYS B 365 13.70 30.30 -10.58
C CYS B 365 15.13 30.46 -10.08
N GLU B 366 15.28 30.44 -8.75
CA GLU B 366 16.60 30.55 -8.15
C GLU B 366 17.46 29.33 -8.48
N LEU B 367 16.84 28.15 -8.50
CA LEU B 367 17.53 26.93 -8.88
C LEU B 367 17.98 26.98 -10.35
N TYR B 368 17.04 27.31 -11.24
CA TYR B 368 17.33 27.41 -12.66
C TYR B 368 18.40 28.46 -12.95
N ALA B 369 18.39 29.56 -12.19
CA ALA B 369 19.44 30.58 -12.32
C ALA B 369 20.80 29.99 -11.97
N LYS B 370 20.84 29.16 -10.94
CA LYS B 370 22.05 28.49 -10.50
C LYS B 370 22.53 27.53 -11.59
N VAL B 371 21.64 26.61 -11.99
CA VAL B 371 22.03 25.51 -12.88
C VAL B 371 22.38 26.02 -14.28
N LEU B 372 21.57 26.92 -14.82
CA LEU B 372 21.80 27.48 -16.14
C LEU B 372 22.81 28.62 -16.13
N GLY B 373 23.13 29.15 -14.96
CA GLY B 373 24.05 30.26 -14.83
C GLY B 373 23.55 31.53 -15.49
N SER B 374 22.25 31.83 -15.35
CA SER B 374 21.64 33.01 -15.95
C SER B 374 20.68 33.73 -15.00
N LEU B 375 20.91 35.03 -14.83
CA LEU B 375 20.01 35.91 -14.09
C LEU B 375 18.64 36.01 -14.77
N GLU B 376 18.60 35.71 -16.06
CA GLU B 376 17.36 35.73 -16.82
C GLU B 376 16.31 34.76 -16.30
N ALA B 377 16.78 33.71 -15.62
CA ALA B 377 15.91 32.72 -14.98
C ALA B 377 15.11 33.31 -13.82
N LEU B 378 15.53 34.47 -13.33
CA LEU B 378 14.88 35.11 -12.19
C LEU B 378 13.72 36.00 -12.61
N GLU B 379 13.45 36.07 -13.91
CA GLU B 379 12.39 36.92 -14.43
C GLU B 379 11.28 36.19 -15.19
N PRO B 380 10.54 35.31 -14.51
CA PRO B 380 9.46 34.56 -15.16
C PRO B 380 8.31 35.48 -15.57
N VAL B 381 7.65 35.16 -16.68
CA VAL B 381 6.50 35.92 -17.16
C VAL B 381 5.18 35.22 -16.77
N HIS B 382 5.26 33.94 -16.46
CA HIS B 382 4.09 33.14 -16.09
C HIS B 382 4.51 31.79 -15.47
N TYR B 383 3.60 31.21 -14.70
CA TYR B 383 3.85 29.95 -13.99
C TYR B 383 2.60 29.09 -13.95
N GLU B 384 2.75 27.81 -14.28
CA GLU B 384 1.68 26.83 -14.14
C GLU B 384 2.19 25.56 -13.47
N GLU B 385 1.33 24.91 -12.70
CA GLU B 385 1.70 23.73 -11.92
C GLU B 385 0.48 22.88 -11.58
N LYS B 386 0.73 21.61 -11.32
CA LYS B 386 -0.31 20.69 -10.91
C LYS B 386 0.28 19.63 -9.99
N ASN B 387 -0.31 19.53 -8.80
CA ASN B 387 0.03 18.52 -7.83
C ASN B 387 -0.91 17.32 -7.99
N TRP B 388 -0.41 16.22 -8.51
CA TRP B 388 -1.26 15.06 -8.78
C TRP B 388 -1.65 14.26 -7.53
N CYS B 389 -0.94 14.48 -6.44
CA CYS B 389 -1.21 13.82 -5.17
C CYS B 389 -2.59 14.16 -4.59
N GLU B 390 -3.14 15.30 -4.99
CA GLU B 390 -4.37 15.79 -4.40
C GLU B 390 -5.63 15.32 -5.14
N GLU B 391 -5.42 14.55 -6.22
CA GLU B 391 -6.51 14.12 -7.09
C GLU B 391 -7.22 12.87 -6.60
N GLN B 392 -8.47 13.03 -6.18
CA GLN B 392 -9.31 11.93 -5.69
C GLN B 392 -9.44 10.79 -6.71
N TYR B 393 -9.55 11.14 -7.98
CA TYR B 393 -9.80 10.14 -9.01
C TYR B 393 -8.57 9.76 -9.86
N SER B 394 -7.39 10.16 -9.38
CA SER B 394 -6.12 9.67 -9.92
C SER B 394 -5.33 8.94 -8.85
N GLY B 395 -5.18 9.56 -7.68
CA GLY B 395 -4.44 8.98 -6.59
C GLY B 395 -2.97 9.37 -6.55
N GLY B 396 -2.51 10.00 -7.64
CA GLY B 396 -1.12 10.39 -7.81
C GLY B 396 -0.69 10.24 -9.26
N CYS B 397 0.62 10.26 -9.49
CA CYS B 397 1.19 10.16 -10.83
C CYS B 397 2.67 9.77 -10.70
N TYR B 398 3.27 9.18 -11.73
CA TYR B 398 2.61 8.89 -13.02
C TYR B 398 1.73 7.66 -12.92
N THR B 399 2.18 6.70 -12.12
CA THR B 399 1.59 5.37 -12.17
C THR B 399 1.68 4.62 -10.85
N THR B 400 1.15 3.41 -10.86
CA THR B 400 1.14 2.54 -9.71
C THR B 400 2.50 1.91 -9.53
N TYR B 401 3.02 2.00 -8.30
CA TYR B 401 4.22 1.26 -7.96
C TYR B 401 3.89 0.09 -7.02
N PHE B 402 4.77 -0.92 -7.01
CA PHE B 402 4.61 -2.08 -6.14
C PHE B 402 5.65 -2.08 -5.03
N PRO B 403 5.22 -2.03 -3.77
CA PRO B 403 6.12 -2.18 -2.62
C PRO B 403 6.69 -3.60 -2.56
N PRO B 404 7.77 -3.81 -1.79
CA PRO B 404 8.36 -5.15 -1.68
C PRO B 404 7.35 -6.21 -1.27
N GLY B 405 7.37 -7.35 -1.97
CA GLY B 405 6.53 -8.48 -1.65
C GLY B 405 5.21 -8.61 -2.41
N ILE B 406 4.80 -7.54 -3.07
CA ILE B 406 3.43 -7.49 -3.61
C ILE B 406 3.29 -8.11 -5.01
N LEU B 407 4.23 -7.81 -5.89
CA LEU B 407 4.16 -8.30 -7.28
C LEU B 407 4.15 -9.83 -7.40
N THR B 408 4.94 -10.53 -6.58
CA THR B 408 4.92 -12.00 -6.62
C THR B 408 3.68 -12.60 -5.98
N GLN B 409 3.10 -11.90 -5.01
CA GLN B 409 1.95 -12.41 -4.28
C GLN B 409 0.61 -12.08 -4.95
N TYR B 410 0.52 -10.93 -5.62
CA TYR B 410 -0.74 -10.45 -6.16
C TYR B 410 -0.73 -10.07 -7.65
N GLY B 411 0.46 -10.03 -8.25
CA GLY B 411 0.63 -9.58 -9.63
C GLY B 411 -0.22 -10.32 -10.66
N ARG B 412 -0.34 -11.64 -10.49
CA ARG B 412 -1.15 -12.51 -11.34
C ARG B 412 -2.58 -12.00 -11.49
N VAL B 413 -3.06 -11.31 -10.46
CA VAL B 413 -4.46 -10.96 -10.34
C VAL B 413 -4.82 -9.66 -11.08
N LEU B 414 -3.80 -8.85 -11.41
CA LEU B 414 -3.98 -7.52 -11.99
C LEU B 414 -4.98 -7.43 -13.16
N ARG B 415 -4.83 -8.28 -14.16
CA ARG B 415 -5.78 -8.29 -15.27
C ARG B 415 -6.60 -9.57 -15.41
N GLN B 416 -6.68 -10.34 -14.35
CA GLN B 416 -7.59 -11.47 -14.28
C GLN B 416 -9.04 -11.01 -14.20
N PRO B 417 -9.86 -11.40 -15.17
CA PRO B 417 -11.29 -11.03 -15.19
C PRO B 417 -12.02 -11.49 -13.93
N VAL B 418 -12.88 -10.64 -13.39
CA VAL B 418 -13.74 -11.04 -12.29
C VAL B 418 -15.15 -11.21 -12.86
N ASP B 419 -15.48 -12.45 -13.18
CA ASP B 419 -16.76 -12.80 -13.82
C ASP B 419 -16.93 -12.03 -15.14
N ARG B 420 -17.71 -10.94 -15.12
CA ARG B 420 -17.94 -10.15 -16.33
C ARG B 420 -17.27 -8.77 -16.31
N ILE B 421 -16.41 -8.53 -15.32
CA ILE B 421 -15.58 -7.33 -15.28
C ILE B 421 -14.21 -7.64 -15.85
N TYR B 422 -13.81 -6.90 -16.87
CA TYR B 422 -12.48 -7.02 -17.45
C TYR B 422 -11.66 -5.79 -17.09
N PHE B 423 -10.33 -5.92 -17.12
CA PHE B 423 -9.48 -4.86 -16.56
C PHE B 423 -8.57 -4.22 -17.57
N ALA B 424 -8.72 -2.91 -17.71
CA ALA B 424 -7.85 -2.11 -18.54
C ALA B 424 -7.11 -1.15 -17.62
N GLY B 425 -6.63 -0.04 -18.17
CA GLY B 425 -5.79 0.87 -17.41
C GLY B 425 -4.33 0.55 -17.69
N THR B 426 -3.53 1.60 -17.81
CA THR B 426 -2.11 1.45 -18.17
C THR B 426 -1.35 0.47 -17.27
N GLU B 427 -1.82 0.28 -16.05
CA GLU B 427 -1.17 -0.61 -15.09
C GLU B 427 -1.21 -2.08 -15.50
N THR B 428 -2.15 -2.43 -16.39
CA THR B 428 -2.31 -3.81 -16.86
C THR B 428 -1.62 -4.10 -18.19
N ALA B 429 -0.95 -3.11 -18.76
CA ALA B 429 -0.20 -3.29 -20.00
C ALA B 429 1.10 -4.09 -19.80
N THR B 430 1.65 -4.61 -20.90
CA THR B 430 2.89 -5.39 -20.90
C THR B 430 4.05 -4.66 -21.59
N HIS B 431 3.76 -3.54 -22.23
CA HIS B 431 4.78 -2.74 -22.91
C HIS B 431 4.41 -1.29 -22.65
N TRP B 432 5.35 -0.53 -22.08
CA TRP B 432 5.14 0.85 -21.65
C TRP B 432 3.98 1.02 -20.67
N SER B 433 3.82 0.06 -19.77
CA SER B 433 2.87 0.22 -18.68
C SER B 433 3.25 1.45 -17.85
N GLY B 434 2.24 2.23 -17.47
CA GLY B 434 2.48 3.50 -16.80
C GLY B 434 2.52 4.70 -17.74
N TYR B 435 2.50 4.44 -19.05
CA TYR B 435 2.49 5.50 -20.07
C TYR B 435 1.16 5.52 -20.83
N MET B 436 0.95 6.57 -21.63
CA MET B 436 -0.23 6.64 -22.51
C MET B 436 -0.26 5.46 -23.47
N GLU B 437 0.91 5.05 -23.95
CA GLU B 437 1.05 3.86 -24.79
C GLU B 437 0.41 2.61 -24.14
N GLY B 438 0.76 2.34 -22.89
CA GLY B 438 0.21 1.20 -22.17
C GLY B 438 -1.28 1.30 -21.94
N ALA B 439 -1.78 2.52 -21.79
CA ALA B 439 -3.21 2.77 -21.65
C ALA B 439 -3.97 2.30 -22.89
N VAL B 440 -3.42 2.62 -24.06
CA VAL B 440 -3.98 2.16 -25.34
C VAL B 440 -3.93 0.65 -25.47
N GLU B 441 -2.77 0.05 -25.17
CA GLU B 441 -2.61 -1.40 -25.20
C GLU B 441 -3.67 -2.10 -24.35
N ALA B 442 -3.80 -1.65 -23.10
CA ALA B 442 -4.67 -2.30 -22.13
C ALA B 442 -6.14 -2.13 -22.48
N GLY B 443 -6.52 -0.91 -22.89
CA GLY B 443 -7.88 -0.61 -23.29
C GLY B 443 -8.37 -1.47 -24.44
N GLU B 444 -7.53 -1.58 -25.47
CA GLU B 444 -7.87 -2.35 -26.66
C GLU B 444 -7.85 -3.86 -26.42
N ARG B 445 -6.92 -4.32 -25.56
CA ARG B 445 -6.86 -5.72 -25.15
C ARG B 445 -8.10 -6.12 -24.34
N ALA B 446 -8.49 -5.28 -23.38
CA ALA B 446 -9.66 -5.56 -22.56
C ALA B 446 -10.92 -5.61 -23.43
N ALA B 447 -11.02 -4.69 -24.38
CA ALA B 447 -12.13 -4.65 -25.34
C ALA B 447 -12.20 -5.95 -26.17
N ARG B 448 -11.05 -6.43 -26.61
CA ARG B 448 -10.97 -7.67 -27.39
C ARG B 448 -11.25 -8.94 -26.57
N GLU B 449 -10.94 -8.92 -25.29
CA GLU B 449 -11.29 -10.02 -24.38
C GLU B 449 -12.81 -10.19 -24.34
N ILE B 450 -13.51 -9.06 -24.35
CA ILE B 450 -14.97 -9.05 -24.35
C ILE B 450 -15.55 -9.48 -25.72
N LEU B 451 -14.91 -9.05 -26.80
CA LEU B 451 -15.25 -9.51 -28.14
C LEU B 451 -15.10 -11.02 -28.27
N HIS B 452 -14.04 -11.57 -27.68
CA HIS B 452 -13.84 -13.02 -27.66
C HIS B 452 -14.91 -13.71 -26.80
N ALA B 453 -15.24 -13.11 -25.66
CA ALA B 453 -16.26 -13.65 -24.76
C ALA B 453 -17.65 -13.67 -25.41
N MET B 454 -17.88 -12.81 -26.39
CA MET B 454 -19.15 -12.79 -27.14
C MET B 454 -19.12 -13.66 -28.39
N GLY B 455 -17.97 -14.31 -28.64
CA GLY B 455 -17.79 -15.18 -29.79
C GLY B 455 -17.57 -14.45 -31.10
N LYS B 456 -17.17 -13.17 -31.03
CA LYS B 456 -16.97 -12.35 -32.22
C LYS B 456 -15.56 -12.44 -32.82
N ILE B 457 -14.58 -12.80 -32.01
CA ILE B 457 -13.20 -12.99 -32.48
C ILE B 457 -12.57 -14.22 -31.84
N PRO B 458 -11.61 -14.85 -32.54
CA PRO B 458 -10.90 -16.00 -31.96
C PRO B 458 -9.92 -15.58 -30.86
N GLU B 459 -9.61 -16.50 -29.95
CA GLU B 459 -8.67 -16.25 -28.84
C GLU B 459 -7.35 -15.68 -29.33
N ASP B 460 -6.88 -16.20 -30.46
CA ASP B 460 -5.71 -15.73 -31.19
C ASP B 460 -5.63 -14.20 -31.32
N GLU B 461 -6.78 -13.55 -31.34
CA GLU B 461 -6.84 -12.13 -31.70
C GLU B 461 -6.94 -11.15 -30.53
N ILE B 462 -6.90 -11.66 -29.29
CA ILE B 462 -6.98 -10.81 -28.10
C ILE B 462 -5.76 -9.90 -27.94
N TRP B 463 -4.57 -10.48 -28.13
CA TRP B 463 -3.34 -9.71 -28.05
C TRP B 463 -2.81 -9.47 -29.46
N GLN B 464 -2.92 -8.23 -29.92
CA GLN B 464 -2.48 -7.85 -31.25
C GLN B 464 -1.19 -7.04 -31.24
N SER B 465 -0.27 -7.39 -32.13
CA SER B 465 0.95 -6.62 -32.29
C SER B 465 0.65 -5.32 -33.05
N GLU B 466 1.60 -4.39 -33.04
CA GLU B 466 1.41 -3.07 -33.67
C GLU B 466 2.52 -2.78 -34.66
N PRO B 467 2.16 -2.45 -35.90
CA PRO B 467 3.15 -2.05 -36.91
C PRO B 467 3.89 -0.79 -36.47
N GLU B 468 5.20 -0.71 -36.76
CA GLU B 468 6.01 0.44 -36.39
C GLU B 468 5.48 1.70 -37.07
N SER B 469 5.49 2.82 -36.34
CA SER B 469 5.12 4.12 -36.88
C SER B 469 6.09 4.55 -37.97
N VAL B 470 5.56 4.98 -39.11
CA VAL B 470 6.40 5.50 -40.20
C VAL B 470 6.91 6.91 -39.88
N ASP B 471 6.15 7.64 -39.07
CA ASP B 471 6.49 9.00 -38.65
C ASP B 471 7.56 9.07 -37.56
N VAL B 472 7.51 8.11 -36.63
CA VAL B 472 8.43 8.07 -35.50
C VAL B 472 9.12 6.70 -35.42
N PRO B 473 10.06 6.42 -36.33
CA PRO B 473 10.73 5.11 -36.37
C PRO B 473 11.74 4.97 -35.23
N ALA B 474 11.99 3.73 -34.82
CA ALA B 474 12.92 3.45 -33.73
C ALA B 474 14.28 3.01 -34.23
N GLN B 475 15.33 3.69 -33.76
CA GLN B 475 16.70 3.21 -33.90
C GLN B 475 16.94 2.16 -32.82
N PRO B 476 17.71 1.12 -33.14
CA PRO B 476 18.03 0.08 -32.15
C PRO B 476 18.99 0.60 -31.08
N ILE B 477 18.95 0.01 -29.89
CA ILE B 477 19.86 0.37 -28.81
C ILE B 477 21.14 -0.47 -28.92
N THR B 478 22.26 0.22 -29.07
CA THR B 478 23.56 -0.45 -29.22
C THR B 478 24.43 -0.31 -27.98
N THR B 479 25.26 -1.32 -27.72
CA THR B 479 26.30 -1.27 -26.69
C THR B 479 27.67 -1.52 -27.30
N THR B 480 28.67 -0.77 -26.85
CA THR B 480 30.05 -0.98 -27.32
C THR B 480 30.68 -2.21 -26.68
N PHE B 481 31.77 -2.69 -27.26
CA PHE B 481 32.51 -3.83 -26.74
C PHE B 481 33.01 -3.55 -25.33
N LEU B 482 33.54 -2.34 -25.12
CA LEU B 482 34.04 -1.91 -23.82
C LEU B 482 32.96 -1.90 -22.74
N GLU B 483 31.80 -1.34 -23.08
CA GLU B 483 30.66 -1.30 -22.16
C GLU B 483 30.17 -2.67 -21.73
N ARG B 484 30.27 -3.66 -22.63
CA ARG B 484 29.82 -5.02 -22.36
C ARG B 484 30.80 -5.80 -21.48
N HIS B 485 32.10 -5.54 -21.62
CA HIS B 485 33.11 -6.41 -21.04
C HIS B 485 34.00 -5.79 -19.95
N LEU B 486 33.92 -4.48 -19.79
CA LEU B 486 34.63 -3.83 -18.69
C LEU B 486 34.11 -4.38 -17.37
N PRO B 487 35.02 -4.70 -16.45
CA PRO B 487 34.65 -5.32 -15.18
C PRO B 487 33.93 -4.35 -14.22
N SER B 488 33.22 -4.91 -13.25
CA SER B 488 32.66 -4.13 -12.15
C SER B 488 33.78 -3.71 -11.21
N VAL B 489 33.46 -2.93 -10.18
CA VAL B 489 34.44 -2.57 -9.15
C VAL B 489 34.94 -3.80 -8.37
N PRO B 490 34.04 -4.63 -7.81
CA PRO B 490 34.46 -5.89 -7.18
C PRO B 490 35.11 -6.86 -8.17
N GLY B 491 34.77 -6.77 -9.46
CA GLY B 491 35.38 -7.58 -10.50
C GLY B 491 36.83 -7.19 -10.74
N LEU B 492 37.08 -5.88 -10.73
CA LEU B 492 38.43 -5.34 -10.85
C LEU B 492 39.27 -5.67 -9.62
N LEU B 493 38.64 -5.65 -8.45
CA LEU B 493 39.30 -6.02 -7.20
C LEU B 493 39.63 -7.51 -7.12
N ARG B 494 38.77 -8.34 -7.71
CA ARG B 494 39.01 -9.78 -7.81
C ARG B 494 40.17 -10.06 -8.77
N LEU B 495 40.30 -9.22 -9.79
CA LEU B 495 41.37 -9.31 -10.78
C LEU B 495 42.72 -8.86 -10.19
N ILE B 496 42.67 -8.13 -9.08
CA ILE B 496 43.88 -7.70 -8.37
C ILE B 496 44.29 -8.75 -7.33
PA FAD C . -13.33 -2.87 12.92
O1A FAD C . -12.77 -3.32 11.62
O2A FAD C . -13.53 -4.03 13.91
O5B FAD C . -14.70 -2.07 12.70
C5B FAD C . -14.94 -1.40 11.49
C4B FAD C . -16.42 -1.48 11.17
O4B FAD C . -16.72 -0.55 10.15
C3B FAD C . -16.82 -2.84 10.64
O3B FAD C . -17.99 -3.26 11.31
C2B FAD C . -17.12 -2.62 9.16
O2B FAD C . -18.17 -3.46 8.73
C1B FAD C . -17.50 -1.16 9.14
N9A FAD C . -17.29 -0.49 7.83
C8A FAD C . -16.22 -0.58 6.97
N7A FAD C . -16.46 0.21 5.89
C5A FAD C . -17.67 0.82 6.07
C6A FAD C . -18.40 1.72 5.30
N6A FAD C . -17.88 2.30 4.22
N1A FAD C . -19.63 2.17 5.77
C2A FAD C . -20.13 1.72 6.99
N3A FAD C . -19.40 0.83 7.73
C4A FAD C . -18.19 0.39 7.29
N1 FAD C . -7.54 -8.09 18.82
C2 FAD C . -7.39 -8.35 20.17
O2 FAD C . -7.58 -7.47 21.00
N3 FAD C . -7.03 -9.62 20.57
C4 FAD C . -6.81 -10.61 19.63
O4 FAD C . -6.96 -11.78 19.99
C4X FAD C . -6.95 -10.29 18.29
N5 FAD C . -6.76 -11.26 17.34
C5X FAD C . -7.33 -11.09 16.10
C6 FAD C . -7.51 -12.17 15.23
C7 FAD C . -8.10 -11.98 13.98
C7M FAD C . -8.25 -13.17 13.08
C8 FAD C . -8.51 -10.70 13.59
C8M FAD C . -9.35 -10.44 12.36
C9 FAD C . -8.32 -9.63 14.46
C9A FAD C . -7.72 -9.81 15.72
N10 FAD C . -7.53 -8.74 16.60
C10 FAD C . -7.01 -8.95 17.86
C1' FAD C . -7.75 -7.33 16.11
C2' FAD C . -9.09 -6.80 16.58
O2' FAD C . -10.14 -7.68 16.21
C3' FAD C . -9.31 -5.41 15.98
O3' FAD C . -8.20 -4.60 16.33
C4' FAD C . -10.58 -4.69 16.43
O4' FAD C . -11.72 -5.50 16.23
C5' FAD C . -10.71 -3.41 15.61
O5' FAD C . -11.92 -2.74 15.87
P FAD C . -12.25 -1.39 15.07
O1P FAD C . -13.56 -0.87 15.53
O2P FAD C . -11.10 -0.38 15.24
O3P FAD C . -12.31 -1.77 13.52
O7 LAZ D . -1.49 -10.27 17.53
C7 LAZ D . -1.72 -11.40 17.94
N8 LAZ D . -3.06 -11.95 17.79
C9 LAZ D . -4.21 -11.09 17.63
C10 LAZ D . -5.44 -11.94 17.30
O10 LAZ D . -5.46 -13.02 18.23
C6 LAZ D . -0.65 -12.21 18.63
C5 LAZ D . 0.53 -11.60 19.04
C4 LAZ D . 1.51 -12.35 19.69
C3 LAZ D . 1.33 -13.71 19.93
CL3 LAZ D . 2.60 -14.64 20.76
C2 LAZ D . 0.15 -14.32 19.51
C1 LAZ D . -0.84 -13.57 18.86
PA FAD E . -6.33 7.42 -16.14
O1A FAD E . -6.02 7.68 -14.72
O2A FAD E . -5.68 8.46 -17.06
O5B FAD E . -7.90 7.35 -16.36
C5B FAD E . -8.75 6.91 -15.34
C4B FAD E . -10.08 7.64 -15.42
O4B FAD E . -10.96 7.00 -14.54
C3B FAD E . -9.98 9.08 -14.96
O3B FAD E . -10.60 9.90 -15.92
C2B FAD E . -10.73 9.11 -13.65
O2B FAD E . -11.39 10.33 -13.43
C1B FAD E . -11.71 7.98 -13.84
N9A FAD E . -12.22 7.37 -12.60
C8A FAD E . -11.54 7.06 -11.45
N7A FAD E . -12.40 6.53 -10.56
C5A FAD E . -13.63 6.46 -11.13
C6A FAD E . -14.87 6.00 -10.70
N6A FAD E . -14.98 5.38 -9.53
N1A FAD E . -15.97 6.08 -11.54
C2A FAD E . -15.85 6.61 -12.81
N3A FAD E . -14.62 7.06 -13.23
C4A FAD E . -13.54 6.99 -12.42
N1 FAD E . 2.61 9.23 -19.75
C2 FAD E . 3.25 9.28 -20.96
O2 FAD E . 2.93 8.49 -21.86
N3 FAD E . 4.24 10.22 -21.15
C4 FAD E . 4.56 11.09 -20.13
O4 FAD E . 5.04 12.18 -20.44
C4X FAD E . 3.90 10.99 -18.91
N5 FAD E . 4.21 11.85 -17.88
C5X FAD E . 3.27 12.02 -16.88
C6 FAD E . 3.33 13.13 -16.02
C7 FAD E . 2.38 13.31 -15.03
C7M FAD E . 2.51 14.51 -14.15
C8 FAD E . 1.34 12.37 -14.88
C8M FAD E . 0.15 12.60 -13.97
C9 FAD E . 1.29 11.27 -15.74
C9A FAD E . 2.25 11.09 -16.74
N10 FAD E . 2.22 9.99 -17.59
C10 FAD E . 3.13 9.86 -18.63
C1' FAD E . 1.30 8.83 -17.28
C2' FAD E . 0.07 8.85 -18.19
O2' FAD E . -0.54 10.12 -18.12
C3' FAD E . -0.89 7.73 -17.77
O3' FAD E . -0.23 6.49 -17.85
C4' FAD E . -2.16 7.62 -18.60
O4' FAD E . -2.82 8.87 -18.70
C5' FAD E . -3.06 6.57 -17.92
O5' FAD E . -4.33 6.50 -18.51
P FAD E . -5.43 5.47 -17.98
O1P FAD E . -6.61 5.56 -18.86
O2P FAD E . -4.84 4.07 -17.86
O3P FAD E . -5.82 5.95 -16.51
O7 LAZ F . 8.35 8.65 -16.62
C7 LAZ F . 8.73 9.75 -17.00
N8 LAZ F . 7.77 10.85 -17.18
C9 LAZ F . 6.37 10.59 -17.43
C10 LAZ F . 5.59 11.90 -17.43
O10 LAZ F . 6.29 12.84 -18.23
C6 LAZ F . 10.18 9.99 -17.30
C5 LAZ F . 11.05 8.90 -17.38
C4 LAZ F . 12.40 9.10 -17.66
C3 LAZ F . 12.88 10.39 -17.85
CL3 LAZ F . 14.56 10.65 -18.21
C2 LAZ F . 12.02 11.46 -17.77
C1 LAZ F . 10.67 11.27 -17.49
#